data_8S9Y
#
_entry.id   8S9Y
#
_entity_poly.entity_id   1
_entity_poly.type   'polypeptide(L)'
_entity_poly.pdbx_seq_one_letter_code
;SDSKIGNGCFGFPLDRIGSVSGLGCNRIMQNPPKKFSGE
;
_entity_poly.pdbx_strand_id   A
#
# COMPACT_ATOMS: atom_id res chain seq x y z
N SER A 1 1.99 -0.33 -12.84
CA SER A 1 1.64 -1.19 -14.01
C SER A 1 0.85 -2.42 -13.58
N ASP A 2 -0.37 -2.54 -14.10
CA ASP A 2 -1.23 -3.66 -13.77
C ASP A 2 -0.82 -4.91 -14.57
N SER A 3 -0.81 -6.06 -13.89
CA SER A 3 -0.45 -7.31 -14.54
C SER A 3 -1.16 -8.49 -13.88
N LYS A 4 -1.14 -8.52 -12.55
CA LYS A 4 -1.80 -9.58 -11.80
C LYS A 4 -2.75 -9.01 -10.75
N ILE A 5 -3.78 -8.32 -11.21
CA ILE A 5 -4.75 -7.72 -10.30
C ILE A 5 -4.09 -6.73 -9.35
N GLY A 6 -3.63 -5.61 -9.91
CA GLY A 6 -2.98 -4.60 -9.11
C GLY A 6 -1.52 -4.92 -8.83
N ASN A 7 -0.71 -3.88 -8.66
CA ASN A 7 0.72 -4.07 -8.39
C ASN A 7 1.19 -3.12 -7.30
N GLY A 8 1.04 -1.83 -7.54
CA GLY A 8 1.47 -0.84 -6.56
C GLY A 8 0.52 0.34 -6.48
N CYS A 9 0.10 0.68 -5.26
CA CYS A 9 -0.81 1.79 -5.01
C CYS A 9 -1.87 1.91 -6.10
N PHE A 10 -2.68 0.87 -6.25
CA PHE A 10 -3.73 0.87 -7.25
C PHE A 10 -4.76 -0.21 -6.96
N GLY A 11 -4.36 -1.47 -7.07
CA GLY A 11 -5.27 -2.57 -6.83
C GLY A 11 -5.24 -3.04 -5.38
N PHE A 12 -4.20 -2.66 -4.65
CA PHE A 12 -4.06 -3.04 -3.25
C PHE A 12 -5.19 -2.46 -2.41
N PRO A 13 -5.39 -2.99 -1.19
CA PRO A 13 -6.44 -2.51 -0.29
C PRO A 13 -6.13 -1.15 0.31
N LEU A 14 -6.37 -0.10 -0.47
CA LEU A 14 -6.11 1.26 -0.03
C LEU A 14 -7.35 1.85 0.66
N ASP A 15 -7.75 1.23 1.76
CA ASP A 15 -8.91 1.69 2.51
C ASP A 15 -8.93 1.06 3.90
N ARG A 16 -7.75 0.90 4.48
CA ARG A 16 -7.62 0.31 5.81
C ARG A 16 -6.29 0.68 6.44
N ILE A 17 -5.20 0.27 5.81
CA ILE A 17 -3.87 0.56 6.31
C ILE A 17 -3.64 2.07 6.41
N GLY A 18 -4.32 2.83 5.56
CA GLY A 18 -4.16 4.27 5.57
C GLY A 18 -5.35 4.98 4.92
N SER A 19 -5.83 4.44 3.81
CA SER A 19 -6.96 5.03 3.10
C SER A 19 -6.60 6.40 2.55
N VAL A 20 -5.71 6.42 1.55
CA VAL A 20 -5.26 7.65 0.93
C VAL A 20 -4.25 8.39 1.80
N SER A 21 -4.58 8.59 3.08
CA SER A 21 -3.69 9.27 3.99
C SER A 21 -2.41 8.48 4.22
N GLY A 22 -2.56 7.26 4.73
CA GLY A 22 -1.39 6.42 4.98
C GLY A 22 -0.92 5.69 3.73
N LEU A 23 -1.64 5.87 2.63
CA LEU A 23 -1.27 5.22 1.36
C LEU A 23 -1.31 3.70 1.50
N GLY A 24 -2.22 3.07 0.75
CA GLY A 24 -2.34 1.63 0.80
C GLY A 24 -1.15 0.91 0.18
N CYS A 25 -0.52 1.58 -0.80
CA CYS A 25 0.63 1.03 -1.50
C CYS A 25 1.53 0.22 -0.59
N ASN A 26 2.25 -0.74 -1.18
CA ASN A 26 3.15 -1.59 -0.43
C ASN A 26 4.09 -2.36 -1.36
N ARG A 27 5.04 -1.64 -1.96
CA ARG A 27 5.99 -2.23 -2.88
C ARG A 27 6.53 -3.56 -2.36
N ILE A 28 6.39 -4.61 -3.17
CA ILE A 28 6.87 -5.94 -2.79
C ILE A 28 6.11 -6.45 -1.58
N MET A 29 5.50 -7.63 -1.72
CA MET A 29 4.73 -8.25 -0.64
C MET A 29 5.51 -8.28 0.67
N GLN A 30 6.82 -8.49 0.57
CA GLN A 30 7.69 -8.55 1.76
C GLN A 30 7.90 -7.16 2.35
N ASN A 31 6.81 -6.50 2.75
CA ASN A 31 6.89 -5.18 3.35
C ASN A 31 7.54 -4.17 2.40
N PRO A 32 7.21 -2.88 2.55
CA PRO A 32 7.78 -1.83 1.70
C PRO A 32 9.22 -1.48 2.07
N PRO A 33 9.95 -0.80 1.18
CA PRO A 33 11.34 -0.42 1.43
C PRO A 33 11.45 0.76 2.39
N LYS A 34 10.92 0.61 3.59
CA LYS A 34 10.95 1.65 4.60
C LYS A 34 10.34 2.95 4.07
N LYS A 35 9.39 2.82 3.15
CA LYS A 35 8.73 3.97 2.56
C LYS A 35 7.32 3.62 2.10
N PHE A 36 6.61 4.60 1.55
CA PHE A 36 5.25 4.40 1.06
C PHE A 36 4.32 4.02 2.21
N SER A 37 4.34 2.74 2.59
CA SER A 37 3.50 2.25 3.67
C SER A 37 4.25 2.24 4.99
N GLY A 38 3.52 2.18 6.10
CA GLY A 38 4.14 2.15 7.40
C GLY A 38 3.18 2.52 8.51
N GLU A 39 3.28 1.83 9.64
CA GLU A 39 2.41 2.09 10.78
C GLU A 39 0.94 1.88 10.41
N SER A 1 -12.39 5.66 -9.50
CA SER A 1 -11.07 6.35 -9.56
C SER A 1 -9.96 5.36 -9.93
N ASP A 2 -9.10 5.79 -10.85
CA ASP A 2 -7.98 4.95 -11.28
C ASP A 2 -6.87 5.79 -11.89
N SER A 3 -5.90 6.16 -11.06
CA SER A 3 -4.77 6.98 -11.51
C SER A 3 -3.55 6.11 -11.79
N LYS A 4 -3.46 4.99 -11.08
CA LYS A 4 -2.33 4.07 -11.25
C LYS A 4 -2.78 2.62 -11.08
N ILE A 5 -3.73 2.20 -11.90
CA ILE A 5 -4.25 0.83 -11.85
C ILE A 5 -4.51 0.39 -10.41
N GLY A 6 -5.02 1.32 -9.59
CA GLY A 6 -5.30 0.99 -8.21
C GLY A 6 -5.61 2.23 -7.37
N ASN A 7 -4.90 3.31 -7.64
CA ASN A 7 -5.10 4.56 -6.91
C ASN A 7 -4.84 4.36 -5.41
N GLY A 8 -3.94 3.43 -5.10
CA GLY A 8 -3.62 3.17 -3.70
C GLY A 8 -2.22 2.61 -3.53
N CYS A 9 -2.13 1.34 -3.17
CA CYS A 9 -0.85 0.68 -2.97
C CYS A 9 -0.40 -0.02 -4.25
N PHE A 10 -1.24 -0.90 -4.76
CA PHE A 10 -0.93 -1.63 -5.98
C PHE A 10 -2.18 -2.30 -6.55
N GLY A 11 -3.28 -1.54 -6.59
CA GLY A 11 -4.52 -2.07 -7.11
C GLY A 11 -5.62 -2.14 -6.06
N PHE A 12 -5.22 -2.41 -4.82
CA PHE A 12 -6.18 -2.51 -3.73
C PHE A 12 -6.69 -1.13 -3.33
N PRO A 13 -7.83 -1.07 -2.62
CA PRO A 13 -8.42 0.19 -2.18
C PRO A 13 -7.75 0.73 -0.91
N LEU A 14 -7.41 2.02 -0.93
CA LEU A 14 -6.76 2.65 0.21
C LEU A 14 -7.72 2.75 1.40
N ASP A 15 -7.72 1.71 2.24
CA ASP A 15 -8.58 1.67 3.42
C ASP A 15 -8.43 0.36 4.16
N ARG A 16 -7.17 -0.06 4.38
CA ARG A 16 -6.89 -1.29 5.07
C ARG A 16 -5.49 -1.26 5.68
N ILE A 17 -4.49 -1.18 4.80
CA ILE A 17 -3.10 -1.14 5.25
C ILE A 17 -2.86 0.02 6.21
N GLY A 18 -3.70 1.05 6.13
CA GLY A 18 -3.57 2.20 6.99
C GLY A 18 -4.44 3.36 6.54
N SER A 19 -4.65 3.47 5.24
CA SER A 19 -5.47 4.55 4.68
C SER A 19 -4.89 5.91 5.06
N VAL A 20 -3.65 6.14 4.67
CA VAL A 20 -2.98 7.41 4.95
C VAL A 20 -3.78 8.58 4.37
N SER A 21 -3.84 8.65 3.05
CA SER A 21 -4.57 9.71 2.37
C SER A 21 -4.52 9.53 0.86
N GLY A 22 -4.62 8.28 0.42
CA GLY A 22 -4.58 7.97 -1.00
C GLY A 22 -3.85 6.69 -1.30
N LEU A 23 -2.55 6.66 -1.03
CA LEU A 23 -1.74 5.48 -1.28
C LEU A 23 -2.18 4.31 -0.39
N GLY A 24 -1.71 4.31 0.86
CA GLY A 24 -2.05 3.25 1.79
C GLY A 24 -1.00 2.16 1.83
N CYS A 25 -0.31 1.99 0.73
CA CYS A 25 0.73 0.99 0.59
C CYS A 25 1.66 0.96 1.81
N ASN A 26 2.60 0.01 1.78
CA ASN A 26 3.57 -0.15 2.87
C ASN A 26 4.72 0.84 2.74
N ARG A 27 4.62 1.78 1.80
CA ARG A 27 5.65 2.77 1.57
C ARG A 27 5.78 3.71 2.76
N ILE A 28 6.17 3.16 3.91
CA ILE A 28 6.34 3.94 5.13
C ILE A 28 7.45 3.37 6.00
N MET A 29 7.56 2.05 6.02
CA MET A 29 8.58 1.36 6.82
C MET A 29 8.63 1.91 8.24
N GLN A 30 7.46 2.26 8.77
CA GLN A 30 7.37 2.80 10.13
C GLN A 30 6.03 2.45 10.75
N ASN A 31 5.57 1.23 10.52
CA ASN A 31 4.30 0.76 11.07
C ASN A 31 3.97 -0.65 10.57
N PRO A 32 3.62 -0.82 9.28
CA PRO A 32 3.30 -2.15 8.73
C PRO A 32 4.31 -3.21 9.13
N PRO A 33 3.94 -4.13 10.03
CA PRO A 33 4.85 -5.20 10.48
C PRO A 33 5.19 -6.16 9.35
N LYS A 34 6.44 -6.09 8.88
CA LYS A 34 6.91 -6.95 7.80
C LYS A 34 5.91 -6.97 6.64
N LYS A 35 6.04 -7.95 5.75
CA LYS A 35 5.14 -8.07 4.61
C LYS A 35 3.74 -8.50 5.07
N PHE A 36 3.08 -7.64 5.83
CA PHE A 36 1.74 -7.91 6.33
C PHE A 36 1.29 -6.81 7.28
N SER A 37 0.74 -5.74 6.72
CA SER A 37 0.26 -4.62 7.52
C SER A 37 -0.88 -5.04 8.43
N GLY A 38 -1.10 -4.29 9.50
CA GLY A 38 -2.16 -4.60 10.43
C GLY A 38 -3.15 -3.45 10.58
N GLU A 39 -3.77 -3.36 11.76
CA GLU A 39 -4.75 -2.32 12.02
C GLU A 39 -4.09 -1.13 12.72
N SER A 1 6.42 -9.74 -1.80
CA SER A 1 6.06 -8.84 -2.93
C SER A 1 4.57 -8.92 -3.24
N ASP A 2 4.07 -10.13 -3.47
CA ASP A 2 2.67 -10.34 -3.78
C ASP A 2 2.05 -11.39 -2.86
N SER A 3 1.08 -10.96 -2.06
CA SER A 3 0.41 -11.87 -1.12
C SER A 3 -0.93 -12.31 -1.68
N LYS A 4 -1.65 -11.39 -2.30
CA LYS A 4 -2.96 -11.69 -2.87
C LYS A 4 -3.36 -10.65 -3.92
N ILE A 5 -2.49 -10.46 -4.91
CA ILE A 5 -2.74 -9.49 -5.96
C ILE A 5 -2.75 -8.06 -5.41
N GLY A 6 -1.56 -7.52 -5.18
CA GLY A 6 -1.45 -6.16 -4.66
C GLY A 6 -0.99 -6.14 -3.22
N ASN A 7 0.13 -5.47 -2.97
CA ASN A 7 0.68 -5.37 -1.63
C ASN A 7 0.55 -3.94 -1.09
N GLY A 8 0.80 -2.96 -1.94
CA GLY A 8 0.71 -1.58 -1.55
C GLY A 8 -0.44 -0.86 -2.21
N CYS A 9 -0.13 0.07 -3.10
CA CYS A 9 -1.15 0.82 -3.81
C CYS A 9 -1.41 0.23 -5.19
N PHE A 10 -1.24 -1.08 -5.31
CA PHE A 10 -1.45 -1.76 -6.57
C PHE A 10 -2.93 -2.09 -6.78
N GLY A 11 -3.42 -3.08 -6.04
CA GLY A 11 -4.82 -3.47 -6.17
C GLY A 11 -5.57 -3.37 -4.86
N PHE A 12 -5.11 -2.51 -3.96
CA PHE A 12 -5.76 -2.33 -2.67
C PHE A 12 -6.74 -1.17 -2.72
N PRO A 13 -7.66 -1.10 -1.73
CA PRO A 13 -8.67 -0.04 -1.66
C PRO A 13 -8.09 1.32 -1.28
N LEU A 14 -6.84 1.32 -0.81
CA LEU A 14 -6.19 2.56 -0.40
C LEU A 14 -6.89 3.18 0.81
N ASP A 15 -7.24 2.34 1.77
CA ASP A 15 -7.93 2.79 2.99
C ASP A 15 -8.34 1.59 3.83
N ARG A 16 -7.46 0.60 3.91
CA ARG A 16 -7.74 -0.60 4.68
C ARG A 16 -6.45 -1.14 5.31
N ILE A 17 -5.46 -1.39 4.47
CA ILE A 17 -4.17 -1.90 4.94
C ILE A 17 -3.53 -0.96 5.95
N GLY A 18 -3.96 0.31 5.92
CA GLY A 18 -3.42 1.30 6.83
C GLY A 18 -3.99 2.68 6.58
N SER A 19 -4.33 2.96 5.32
CA SER A 19 -4.89 4.25 4.95
C SER A 19 -3.98 5.39 5.38
N VAL A 20 -2.81 5.48 4.75
CA VAL A 20 -1.84 6.52 5.08
C VAL A 20 -2.46 7.92 4.92
N SER A 21 -3.29 8.08 3.90
CA SER A 21 -3.94 9.36 3.65
C SER A 21 -4.84 9.27 2.41
N GLY A 22 -4.24 9.02 1.26
CA GLY A 22 -5.00 8.92 0.03
C GLY A 22 -4.35 8.01 -0.99
N LEU A 23 -3.97 6.81 -0.54
CA LEU A 23 -3.33 5.84 -1.42
C LEU A 23 -3.03 4.54 -0.67
N GLY A 24 -2.35 4.67 0.46
CA GLY A 24 -2.01 3.50 1.25
C GLY A 24 -0.62 2.98 0.95
N CYS A 25 -0.24 3.09 -0.32
CA CYS A 25 1.07 2.64 -0.78
C CYS A 25 2.13 2.74 0.31
N ASN A 26 3.05 1.78 0.35
CA ASN A 26 4.12 1.77 1.34
C ASN A 26 3.54 1.63 2.74
N ARG A 27 3.37 0.39 3.18
CA ARG A 27 2.82 0.10 4.49
C ARG A 27 3.52 0.92 5.58
N ILE A 28 3.07 0.77 6.82
CA ILE A 28 3.63 1.50 7.95
C ILE A 28 5.16 1.46 7.92
N MET A 29 5.74 0.29 8.16
CA MET A 29 7.19 0.14 8.15
C MET A 29 7.59 -1.31 8.45
N GLN A 30 7.73 -2.11 7.39
CA GLN A 30 8.12 -3.50 7.55
C GLN A 30 8.38 -4.16 6.21
N ASN A 31 9.01 -3.41 5.31
CA ASN A 31 9.34 -3.91 3.98
C ASN A 31 9.78 -2.77 3.06
N PRO A 32 8.86 -1.85 2.70
CA PRO A 32 9.17 -0.72 1.83
C PRO A 32 9.95 0.38 2.55
N PRO A 33 10.77 1.15 1.82
CA PRO A 33 11.57 2.24 2.39
C PRO A 33 10.71 3.46 2.73
N LYS A 34 11.22 4.30 3.62
CA LYS A 34 10.50 5.50 4.03
C LYS A 34 9.94 6.26 2.84
N LYS A 35 8.62 6.43 2.81
CA LYS A 35 7.97 7.14 1.72
C LYS A 35 8.17 6.41 0.40
N PHE A 36 8.12 5.08 0.44
CA PHE A 36 8.30 4.26 -0.74
C PHE A 36 9.63 4.56 -1.43
N SER A 37 10.01 3.71 -2.37
CA SER A 37 11.26 3.89 -3.10
C SER A 37 11.09 4.87 -4.26
N GLY A 38 12.00 5.82 -4.37
CA GLY A 38 11.93 6.80 -5.44
C GLY A 38 12.94 7.92 -5.27
N GLU A 39 13.02 8.46 -4.06
CA GLU A 39 13.96 9.54 -3.76
C GLU A 39 14.64 9.32 -2.42
N SER A 1 -1.56 -12.07 -10.69
CA SER A 1 -0.96 -12.10 -9.33
C SER A 1 -0.66 -10.69 -8.83
N ASP A 2 0.14 -9.95 -9.59
CA ASP A 2 0.51 -8.59 -9.23
C ASP A 2 -0.47 -7.58 -9.83
N SER A 3 -0.78 -7.77 -11.12
CA SER A 3 -1.70 -6.88 -11.81
C SER A 3 -3.11 -7.44 -11.80
N LYS A 4 -3.54 -7.94 -10.64
CA LYS A 4 -4.88 -8.52 -10.50
C LYS A 4 -5.32 -8.48 -9.05
N ILE A 5 -4.73 -9.35 -8.23
CA ILE A 5 -5.07 -9.41 -6.81
C ILE A 5 -4.75 -8.10 -6.10
N GLY A 6 -3.58 -7.56 -6.38
CA GLY A 6 -3.17 -6.31 -5.77
C GLY A 6 -1.71 -6.30 -5.37
N ASN A 7 -0.88 -5.68 -6.21
CA ASN A 7 0.55 -5.60 -5.94
C ASN A 7 0.89 -4.29 -5.21
N GLY A 8 0.12 -3.98 -4.18
CA GLY A 8 0.35 -2.77 -3.42
C GLY A 8 -0.69 -1.70 -3.70
N CYS A 9 -0.30 -0.44 -3.58
CA CYS A 9 -1.21 0.68 -3.82
C CYS A 9 -1.85 0.62 -5.20
N PHE A 10 -1.29 -0.22 -6.08
CA PHE A 10 -1.82 -0.37 -7.42
C PHE A 10 -3.18 -1.03 -7.40
N GLY A 11 -3.31 -2.07 -6.57
CA GLY A 11 -4.55 -2.78 -6.46
C GLY A 11 -5.12 -2.75 -5.05
N PHE A 12 -4.36 -2.19 -4.11
CA PHE A 12 -4.80 -2.10 -2.72
C PHE A 12 -6.09 -1.28 -2.61
N PRO A 13 -6.81 -1.40 -1.47
CA PRO A 13 -8.06 -0.66 -1.25
C PRO A 13 -7.83 0.80 -0.90
N LEU A 14 -6.62 1.12 -0.43
CA LEU A 14 -6.28 2.49 -0.07
C LEU A 14 -7.15 2.96 1.11
N ASP A 15 -7.47 2.04 2.00
CA ASP A 15 -8.29 2.34 3.17
C ASP A 15 -8.65 1.07 3.93
N ARG A 16 -7.69 0.16 4.03
CA ARG A 16 -7.90 -1.10 4.73
C ARG A 16 -6.74 -1.40 5.68
N ILE A 17 -5.53 -1.16 5.22
CA ILE A 17 -4.34 -1.41 6.02
C ILE A 17 -3.93 -0.15 6.80
N GLY A 18 -4.93 0.53 7.37
CA GLY A 18 -4.65 1.73 8.13
C GLY A 18 -4.63 2.98 7.27
N SER A 19 -4.61 2.80 5.95
CA SER A 19 -4.58 3.92 5.02
C SER A 19 -3.36 4.80 5.27
N VAL A 20 -3.17 5.81 4.43
CA VAL A 20 -2.04 6.71 4.57
C VAL A 20 -2.48 8.17 4.36
N SER A 21 -3.13 8.43 3.23
CA SER A 21 -3.60 9.77 2.91
C SER A 21 -4.30 9.78 1.56
N GLY A 22 -3.74 9.03 0.61
CA GLY A 22 -4.33 8.96 -0.72
C GLY A 22 -3.67 7.91 -1.58
N LEU A 23 -3.54 6.70 -1.04
CA LEU A 23 -2.93 5.60 -1.75
C LEU A 23 -2.99 4.31 -0.95
N GLY A 24 -2.42 4.34 0.25
CA GLY A 24 -2.43 3.16 1.11
C GLY A 24 -1.14 2.38 1.03
N CYS A 25 -0.52 2.43 -0.15
CA CYS A 25 0.73 1.73 -0.42
C CYS A 25 1.51 1.41 0.86
N ASN A 26 1.29 0.21 1.39
CA ASN A 26 1.96 -0.23 2.61
C ASN A 26 2.31 -1.71 2.54
N ARG A 27 2.93 -2.12 1.45
CA ARG A 27 3.30 -3.51 1.23
C ARG A 27 3.95 -4.11 2.49
N ILE A 28 3.39 -5.22 2.96
CA ILE A 28 3.90 -5.89 4.15
C ILE A 28 5.20 -6.63 3.83
N MET A 29 5.33 -7.09 2.58
CA MET A 29 6.51 -7.81 2.16
C MET A 29 7.75 -6.92 2.23
N GLN A 30 8.63 -7.00 1.23
CA GLN A 30 9.83 -6.17 1.21
C GLN A 30 9.48 -4.72 0.93
N ASN A 31 8.39 -4.25 1.55
CA ASN A 31 7.96 -2.87 1.37
C ASN A 31 7.59 -2.59 -0.08
N PRO A 32 6.72 -1.60 -0.32
CA PRO A 32 6.29 -1.24 -1.67
C PRO A 32 7.37 -0.45 -2.43
N PRO A 33 7.80 -0.96 -3.61
CA PRO A 33 8.83 -0.31 -4.41
C PRO A 33 8.37 1.05 -4.96
N LYS A 34 8.10 1.99 -4.05
CA LYS A 34 7.66 3.32 -4.43
C LYS A 34 7.19 4.11 -3.21
N LYS A 35 8.15 4.54 -2.39
CA LYS A 35 7.84 5.30 -1.18
C LYS A 35 6.85 4.55 -0.30
N PHE A 36 6.45 5.18 0.80
CA PHE A 36 5.52 4.58 1.74
C PHE A 36 5.41 5.42 3.01
N SER A 37 4.56 4.99 3.93
CA SER A 37 4.36 5.70 5.19
C SER A 37 5.59 5.57 6.08
N GLY A 38 6.44 6.60 6.05
CA GLY A 38 7.64 6.58 6.86
C GLY A 38 8.23 7.97 7.05
N GLU A 39 9.14 8.35 6.17
CA GLU A 39 9.78 9.66 6.23
C GLU A 39 10.54 9.82 7.55
N SER A 1 5.19 -5.56 -8.11
CA SER A 1 4.66 -6.53 -9.10
C SER A 1 3.46 -7.28 -8.55
N ASP A 2 2.52 -7.60 -9.42
CA ASP A 2 1.31 -8.33 -9.02
C ASP A 2 1.63 -9.78 -8.70
N SER A 3 1.51 -10.13 -7.42
CA SER A 3 1.78 -11.49 -6.97
C SER A 3 0.50 -12.32 -6.94
N LYS A 4 -0.62 -11.66 -6.71
CA LYS A 4 -1.91 -12.32 -6.65
C LYS A 4 -3.04 -11.39 -7.10
N ILE A 5 -3.15 -10.24 -6.44
CA ILE A 5 -4.18 -9.27 -6.77
C ILE A 5 -3.83 -7.89 -6.21
N GLY A 6 -2.53 -7.58 -6.15
CA GLY A 6 -2.10 -6.31 -5.64
C GLY A 6 -1.21 -6.44 -4.42
N ASN A 7 0.04 -6.00 -4.55
CA ASN A 7 0.99 -6.07 -3.45
C ASN A 7 0.76 -4.93 -2.47
N GLY A 8 0.51 -3.74 -2.99
CA GLY A 8 0.27 -2.58 -2.15
C GLY A 8 -0.61 -1.55 -2.81
N CYS A 9 -0.03 -0.42 -3.19
CA CYS A 9 -0.77 0.65 -3.84
C CYS A 9 -0.93 0.38 -5.33
N PHE A 10 -1.54 -0.74 -5.66
CA PHE A 10 -1.76 -1.13 -7.04
C PHE A 10 -3.17 -1.70 -7.23
N GLY A 11 -3.55 -2.64 -6.38
CA GLY A 11 -4.86 -3.24 -6.48
C GLY A 11 -5.61 -3.25 -5.16
N PHE A 12 -5.27 -2.32 -4.28
CA PHE A 12 -5.90 -2.23 -2.97
C PHE A 12 -6.84 -1.03 -2.91
N PRO A 13 -7.73 -0.97 -1.90
CA PRO A 13 -8.68 0.12 -1.74
C PRO A 13 -8.01 1.41 -1.24
N LEU A 14 -6.78 1.30 -0.79
CA LEU A 14 -6.03 2.46 -0.30
C LEU A 14 -6.75 3.07 0.90
N ASP A 15 -7.17 2.24 1.83
CA ASP A 15 -7.87 2.69 3.02
C ASP A 15 -8.28 1.51 3.90
N ARG A 16 -7.32 0.66 4.23
CA ARG A 16 -7.58 -0.50 5.05
C ARG A 16 -6.29 -0.99 5.72
N ILE A 17 -5.35 -1.48 4.92
CA ILE A 17 -4.08 -1.97 5.43
C ILE A 17 -3.26 -0.84 6.02
N GLY A 18 -3.44 0.36 5.46
CA GLY A 18 -2.71 1.52 5.94
C GLY A 18 -3.33 2.81 5.46
N SER A 19 -4.62 2.99 5.73
CA SER A 19 -5.34 4.19 5.31
C SER A 19 -4.56 5.45 5.69
N VAL A 20 -3.87 6.03 4.72
CA VAL A 20 -3.08 7.23 4.95
C VAL A 20 -3.45 8.32 3.94
N SER A 21 -4.56 9.00 4.20
CA SER A 21 -5.03 10.07 3.31
C SER A 21 -5.45 9.52 1.96
N GLY A 22 -4.48 9.09 1.17
CA GLY A 22 -4.78 8.53 -0.14
C GLY A 22 -3.60 7.81 -0.75
N LEU A 23 -3.37 6.58 -0.31
CA LEU A 23 -2.27 5.78 -0.81
C LEU A 23 -2.30 4.36 -0.22
N GLY A 24 -1.75 4.20 0.98
CA GLY A 24 -1.74 2.90 1.62
C GLY A 24 -0.48 2.12 1.34
N CYS A 25 0.07 2.31 0.14
CA CYS A 25 1.29 1.63 -0.29
C CYS A 25 2.20 1.28 0.86
N ASN A 26 2.84 0.11 0.78
CA ASN A 26 3.75 -0.34 1.83
C ASN A 26 4.95 -1.08 1.22
N ARG A 27 4.96 -2.39 1.34
CA ARG A 27 6.04 -3.20 0.82
C ARG A 27 6.14 -3.09 -0.71
N ILE A 28 6.72 -1.98 -1.17
CA ILE A 28 6.88 -1.76 -2.60
C ILE A 28 8.35 -1.85 -3.02
N MET A 29 9.24 -1.47 -2.11
CA MET A 29 10.67 -1.51 -2.37
C MET A 29 11.46 -1.14 -1.13
N GLN A 30 12.40 -2.01 -0.75
CA GLN A 30 13.23 -1.78 0.42
C GLN A 30 12.40 -1.31 1.61
N ASN A 31 11.27 -1.98 1.84
CA ASN A 31 10.38 -1.62 2.94
C ASN A 31 9.87 -0.19 2.79
N PRO A 32 8.82 0.17 3.55
CA PRO A 32 8.24 1.52 3.50
C PRO A 32 9.22 2.58 3.99
N PRO A 33 8.81 3.87 3.92
CA PRO A 33 9.66 4.99 4.36
C PRO A 33 9.92 4.99 5.87
N LYS A 34 10.58 3.94 6.33
CA LYS A 34 10.90 3.82 7.76
C LYS A 34 9.64 3.94 8.61
N LYS A 35 8.51 3.51 8.06
CA LYS A 35 7.24 3.57 8.78
C LYS A 35 6.38 2.35 8.48
N PHE A 36 6.86 1.18 8.88
CA PHE A 36 6.15 -0.07 8.67
C PHE A 36 4.66 0.07 8.97
N SER A 37 3.86 0.13 7.92
CA SER A 37 2.41 0.27 8.06
C SER A 37 2.07 1.54 8.84
N GLY A 38 0.77 1.77 9.03
CA GLY A 38 0.34 2.95 9.75
C GLY A 38 -0.77 2.65 10.74
N GLU A 39 -0.43 2.64 12.02
CA GLU A 39 -1.42 2.35 13.08
C GLU A 39 -2.01 0.95 12.90
N SER A 1 6.78 6.78 -5.18
CA SER A 1 6.30 6.00 -6.36
C SER A 1 6.12 4.54 -6.01
N ASP A 2 6.92 4.05 -5.07
CA ASP A 2 6.85 2.65 -4.65
C ASP A 2 7.60 2.45 -3.33
N SER A 3 7.01 2.92 -2.23
CA SER A 3 7.63 2.78 -0.92
C SER A 3 7.80 1.31 -0.55
N LYS A 4 6.91 0.47 -1.06
CA LYS A 4 6.96 -0.96 -0.79
C LYS A 4 6.22 -1.75 -1.86
N ILE A 5 4.92 -1.52 -1.96
CA ILE A 5 4.09 -2.19 -2.95
C ILE A 5 2.64 -1.73 -2.87
N GLY A 6 2.46 -0.41 -2.81
CA GLY A 6 1.12 0.15 -2.73
C GLY A 6 1.01 1.49 -3.43
N ASN A 7 1.19 2.57 -2.69
CA ASN A 7 1.11 3.93 -3.25
C ASN A 7 -0.33 4.32 -3.52
N GLY A 8 -0.99 3.55 -4.39
CA GLY A 8 -2.37 3.83 -4.72
C GLY A 8 -3.03 2.68 -5.44
N CYS A 9 -3.61 1.76 -4.67
CA CYS A 9 -4.28 0.59 -5.22
C CYS A 9 -3.53 -0.02 -6.39
N PHE A 10 -2.21 0.17 -6.44
CA PHE A 10 -1.39 -0.36 -7.50
C PHE A 10 -1.06 -1.82 -7.21
N GLY A 11 -0.23 -2.03 -6.20
CA GLY A 11 0.14 -3.38 -5.81
C GLY A 11 -0.85 -3.95 -4.82
N PHE A 12 -1.55 -3.06 -4.11
CA PHE A 12 -2.54 -3.47 -3.12
C PHE A 12 -3.13 -2.25 -2.41
N PRO A 13 -4.37 -1.85 -2.76
CA PRO A 13 -5.02 -0.69 -2.13
C PRO A 13 -5.13 -0.85 -0.62
N LEU A 14 -5.60 0.20 0.04
CA LEU A 14 -5.76 0.20 1.49
C LEU A 14 -6.31 1.54 1.96
N ASP A 15 -7.49 1.51 2.57
CA ASP A 15 -8.12 2.72 3.07
C ASP A 15 -9.18 2.40 4.13
N ARG A 16 -9.00 1.27 4.81
CA ARG A 16 -9.92 0.84 5.83
C ARG A 16 -9.20 0.77 7.18
N ILE A 17 -7.98 0.25 7.15
CA ILE A 17 -7.17 0.12 8.35
C ILE A 17 -6.44 1.43 8.66
N GLY A 18 -6.62 2.43 7.80
CA GLY A 18 -5.98 3.71 8.00
C GLY A 18 -5.02 4.07 6.87
N SER A 19 -5.35 3.63 5.66
CA SER A 19 -4.53 3.91 4.49
C SER A 19 -3.11 3.40 4.70
N VAL A 20 -2.26 3.56 3.68
CA VAL A 20 -0.88 3.11 3.76
C VAL A 20 0.10 4.24 3.40
N SER A 21 0.11 5.28 4.21
CA SER A 21 1.00 6.42 3.99
C SER A 21 0.95 6.87 2.53
N GLY A 22 -0.23 7.26 2.06
CA GLY A 22 -0.37 7.70 0.69
C GLY A 22 -1.77 8.20 0.39
N LEU A 23 -2.74 7.29 0.35
CA LEU A 23 -4.12 7.64 0.07
C LEU A 23 -5.01 6.39 -0.07
N GLY A 24 -4.40 5.27 -0.41
CA GLY A 24 -5.15 4.03 -0.57
C GLY A 24 -5.88 3.97 -1.90
N CYS A 25 -5.70 5.00 -2.74
CA CYS A 25 -6.35 5.05 -4.04
C CYS A 25 -7.82 4.67 -3.94
N ASN A 26 -8.68 5.67 -3.74
CA ASN A 26 -10.11 5.43 -3.63
C ASN A 26 -10.90 6.41 -4.51
N ARG A 27 -10.21 7.08 -5.43
CA ARG A 27 -10.85 8.03 -6.32
C ARG A 27 -12.09 7.42 -6.98
N ILE A 28 -13.10 8.26 -7.22
CA ILE A 28 -14.33 7.81 -7.84
C ILE A 28 -14.34 8.08 -9.33
N MET A 29 -13.49 7.37 -10.07
CA MET A 29 -13.40 7.54 -11.52
C MET A 29 -12.41 6.56 -12.12
N GLN A 30 -12.90 5.36 -12.45
CA GLN A 30 -12.07 4.31 -13.03
C GLN A 30 -10.68 4.30 -12.41
N ASN A 31 -10.64 4.63 -11.13
CA ASN A 31 -9.38 4.67 -10.39
C ASN A 31 -9.06 3.31 -9.78
N PRO A 32 -9.91 2.81 -8.86
CA PRO A 32 -9.69 1.52 -8.21
C PRO A 32 -9.89 0.34 -9.17
N PRO A 33 -9.22 -0.79 -8.91
CA PRO A 33 -9.32 -1.98 -9.76
C PRO A 33 -10.66 -2.70 -9.60
N LYS A 34 -11.52 -2.56 -10.60
CA LYS A 34 -12.83 -3.19 -10.59
C LYS A 34 -13.67 -2.69 -9.42
N LYS A 35 -13.42 -3.25 -8.23
CA LYS A 35 -14.16 -2.85 -7.03
C LYS A 35 -13.23 -2.24 -5.99
N PHE A 36 -13.71 -2.16 -4.75
CA PHE A 36 -12.91 -1.59 -3.66
C PHE A 36 -12.65 -0.10 -3.90
N SER A 37 -13.45 0.74 -3.27
CA SER A 37 -13.31 2.19 -3.41
C SER A 37 -14.02 2.92 -2.28
N GLY A 38 -14.10 2.28 -1.12
CA GLY A 38 -14.76 2.89 0.02
C GLY A 38 -15.62 1.91 0.78
N GLU A 39 -16.32 1.05 0.05
CA GLU A 39 -17.20 0.05 0.66
C GLU A 39 -16.73 -1.36 0.35
N SER A 1 3.72 -10.60 -7.70
CA SER A 1 3.08 -9.61 -8.61
C SER A 1 1.56 -9.75 -8.58
N ASP A 2 0.87 -8.71 -8.10
CA ASP A 2 -0.57 -8.71 -8.01
C ASP A 2 -1.07 -9.73 -6.99
N SER A 3 -0.89 -11.01 -7.30
CA SER A 3 -1.32 -12.09 -6.40
C SER A 3 -2.83 -12.26 -6.43
N LYS A 4 -3.55 -11.20 -6.07
CA LYS A 4 -4.99 -11.22 -6.05
C LYS A 4 -5.57 -9.87 -6.47
N ILE A 5 -5.64 -9.65 -7.78
CA ILE A 5 -6.17 -8.40 -8.33
C ILE A 5 -5.65 -7.19 -7.58
N GLY A 6 -4.37 -7.21 -7.25
CA GLY A 6 -3.76 -6.09 -6.53
C GLY A 6 -2.92 -6.55 -5.35
N ASN A 7 -1.65 -6.15 -5.34
CA ASN A 7 -0.75 -6.52 -4.26
C ASN A 7 -0.58 -5.39 -3.27
N GLY A 8 -0.67 -4.15 -3.77
CA GLY A 8 -0.53 -2.99 -2.92
C GLY A 8 -1.29 -1.79 -3.43
N CYS A 9 -0.73 -0.60 -3.25
CA CYS A 9 -1.37 0.63 -3.71
C CYS A 9 -1.89 0.52 -5.15
N PHE A 10 -1.40 -0.47 -5.89
CA PHE A 10 -1.82 -0.66 -7.27
C PHE A 10 -3.24 -1.16 -7.35
N GLY A 11 -3.47 -2.41 -6.93
CA GLY A 11 -4.79 -2.97 -6.97
C GLY A 11 -5.43 -3.14 -5.61
N PHE A 12 -4.71 -2.77 -4.55
CA PHE A 12 -5.24 -2.90 -3.20
C PHE A 12 -6.03 -1.65 -2.80
N PRO A 13 -6.89 -1.76 -1.79
CA PRO A 13 -7.71 -0.64 -1.32
C PRO A 13 -6.90 0.38 -0.55
N LEU A 14 -7.25 1.65 -0.69
CA LEU A 14 -6.56 2.73 0.00
C LEU A 14 -7.30 3.15 1.25
N ASP A 15 -7.52 2.20 2.16
CA ASP A 15 -8.22 2.45 3.41
C ASP A 15 -8.59 1.15 4.12
N ARG A 16 -7.63 0.23 4.19
CA ARG A 16 -7.84 -1.04 4.84
C ARG A 16 -6.69 -1.38 5.78
N ILE A 17 -5.50 -1.57 5.22
CA ILE A 17 -4.32 -1.89 6.02
C ILE A 17 -3.95 -0.73 6.94
N GLY A 18 -4.43 0.47 6.62
CA GLY A 18 -4.13 1.63 7.44
C GLY A 18 -4.35 2.94 6.71
N SER A 19 -4.23 2.91 5.39
CA SER A 19 -4.43 4.11 4.57
C SER A 19 -3.37 5.16 4.91
N VAL A 20 -2.90 5.86 3.87
CA VAL A 20 -1.89 6.90 4.06
C VAL A 20 -2.43 8.26 3.63
N SER A 21 -3.68 8.53 3.98
CA SER A 21 -4.30 9.81 3.64
C SER A 21 -4.34 10.01 2.12
N GLY A 22 -4.42 8.90 1.39
CA GLY A 22 -4.47 8.98 -0.05
C GLY A 22 -4.06 7.67 -0.72
N LEU A 23 -2.76 7.51 -0.94
CA LEU A 23 -2.25 6.30 -1.58
C LEU A 23 -2.65 5.05 -0.79
N GLY A 24 -2.00 4.84 0.34
CA GLY A 24 -2.30 3.68 1.17
C GLY A 24 -1.18 2.67 1.17
N CYS A 25 -0.51 2.56 0.02
CA CYS A 25 0.60 1.63 -0.16
C CYS A 25 1.32 1.34 1.16
N ASN A 26 1.19 0.11 1.63
CA ASN A 26 1.82 -0.31 2.88
C ASN A 26 1.61 -1.80 3.13
N ARG A 27 2.16 -2.63 2.25
CA ARG A 27 2.03 -4.07 2.37
C ARG A 27 2.83 -4.78 1.28
N ILE A 28 4.15 -4.69 1.37
CA ILE A 28 5.03 -5.32 0.40
C ILE A 28 5.29 -6.78 0.77
N MET A 29 4.22 -7.55 0.92
CA MET A 29 4.32 -8.96 1.29
C MET A 29 4.86 -9.12 2.70
N GLN A 30 6.13 -8.81 2.88
CA GLN A 30 6.77 -8.91 4.20
C GLN A 30 6.67 -7.59 4.94
N ASN A 31 5.52 -6.95 4.85
CA ASN A 31 5.29 -5.68 5.52
C ASN A 31 6.32 -4.64 5.07
N PRO A 32 6.11 -3.36 5.43
CA PRO A 32 7.03 -2.27 5.06
C PRO A 32 8.44 -2.50 5.60
N PRO A 33 9.47 -2.28 4.77
CA PRO A 33 10.87 -2.46 5.17
C PRO A 33 11.37 -1.33 6.06
N LYS A 34 11.18 -1.49 7.37
CA LYS A 34 11.61 -0.48 8.34
C LYS A 34 10.87 0.84 8.13
N LYS A 35 11.31 1.62 7.14
CA LYS A 35 10.69 2.90 6.85
C LYS A 35 9.47 2.72 5.95
N PHE A 36 8.29 2.67 6.56
CA PHE A 36 7.05 2.50 5.84
C PHE A 36 7.00 3.38 4.58
N SER A 37 6.42 2.85 3.51
CA SER A 37 6.31 3.58 2.26
C SER A 37 5.10 4.52 2.29
N GLY A 38 5.32 5.76 1.85
CA GLY A 38 4.25 6.74 1.82
C GLY A 38 4.75 8.13 1.50
N GLU A 39 5.43 8.75 2.45
CA GLU A 39 5.96 10.10 2.26
C GLU A 39 7.46 10.06 1.98
N SER A 1 2.37 -11.64 -6.47
CA SER A 1 2.45 -10.76 -7.67
C SER A 1 1.19 -9.90 -7.79
N ASP A 2 1.28 -8.84 -8.60
CA ASP A 2 0.15 -7.94 -8.80
C ASP A 2 -0.58 -8.27 -10.09
N SER A 3 -0.56 -9.55 -10.47
CA SER A 3 -1.22 -10.00 -11.69
C SER A 3 -2.56 -10.66 -11.38
N LYS A 4 -3.36 -10.00 -10.55
CA LYS A 4 -4.66 -10.52 -10.16
C LYS A 4 -5.58 -9.41 -9.69
N ILE A 5 -5.05 -8.54 -8.82
CA ILE A 5 -5.82 -7.43 -8.29
C ILE A 5 -4.98 -6.57 -7.35
N GLY A 6 -3.80 -6.18 -7.83
CA GLY A 6 -2.91 -5.37 -7.02
C GLY A 6 -2.28 -6.14 -5.88
N ASN A 7 -0.99 -5.91 -5.65
CA ASN A 7 -0.28 -6.60 -4.57
C ASN A 7 0.61 -5.63 -3.80
N GLY A 8 0.21 -4.36 -3.76
CA GLY A 8 0.98 -3.36 -3.04
C GLY A 8 0.94 -2.00 -3.70
N CYS A 9 0.35 -1.03 -3.01
CA CYS A 9 0.25 0.34 -3.52
C CYS A 9 -0.14 0.35 -5.00
N PHE A 10 -1.26 -0.27 -5.34
CA PHE A 10 -1.71 -0.31 -6.71
C PHE A 10 -3.19 -0.67 -6.79
N GLY A 11 -3.52 -1.91 -6.45
CA GLY A 11 -4.90 -2.36 -6.50
C GLY A 11 -5.50 -2.53 -5.11
N PHE A 12 -5.14 -1.64 -4.20
CA PHE A 12 -5.65 -1.70 -2.83
C PHE A 12 -6.98 -0.96 -2.72
N PRO A 13 -7.80 -1.30 -1.71
CA PRO A 13 -9.10 -0.66 -1.49
C PRO A 13 -8.98 0.82 -1.13
N LEU A 14 -7.77 1.25 -0.80
CA LEU A 14 -7.51 2.64 -0.43
C LEU A 14 -8.25 3.00 0.86
N ASP A 15 -8.04 2.20 1.90
CA ASP A 15 -8.67 2.42 3.20
C ASP A 15 -8.26 1.34 4.19
N ARG A 16 -7.06 0.81 4.01
CA ARG A 16 -6.54 -0.22 4.87
C ARG A 16 -5.02 -0.30 4.73
N ILE A 17 -4.43 -1.32 5.34
CA ILE A 17 -2.98 -1.50 5.27
C ILE A 17 -2.23 -0.27 5.80
N GLY A 18 -2.95 0.56 6.56
CA GLY A 18 -2.35 1.76 7.10
C GLY A 18 -3.10 3.01 6.69
N SER A 19 -3.77 2.94 5.54
CA SER A 19 -4.54 4.06 5.02
C SER A 19 -3.71 5.34 4.99
N VAL A 20 -3.21 5.69 3.81
CA VAL A 20 -2.40 6.89 3.63
C VAL A 20 -3.24 8.06 3.14
N SER A 21 -4.51 8.07 3.52
CA SER A 21 -5.42 9.14 3.12
C SER A 21 -5.57 9.20 1.59
N GLY A 22 -5.42 8.05 0.95
CA GLY A 22 -5.54 8.00 -0.50
C GLY A 22 -4.38 7.27 -1.15
N LEU A 23 -4.13 6.04 -0.72
CA LEU A 23 -3.05 5.23 -1.27
C LEU A 23 -2.95 3.89 -0.55
N GLY A 24 -2.37 3.90 0.64
CA GLY A 24 -2.22 2.68 1.41
C GLY A 24 -0.78 2.31 1.65
N CYS A 25 0.02 2.39 0.59
CA CYS A 25 1.44 2.07 0.63
C CYS A 25 2.05 2.36 2.01
N ASN A 26 2.13 1.33 2.85
CA ASN A 26 2.69 1.49 4.19
C ASN A 26 2.71 0.15 4.93
N ARG A 27 3.09 -0.91 4.22
CA ARG A 27 3.15 -2.24 4.80
C ARG A 27 3.82 -2.22 6.17
N ILE A 28 3.05 -2.47 7.21
CA ILE A 28 3.57 -2.48 8.58
C ILE A 28 4.47 -3.68 8.83
N MET A 29 4.26 -4.74 8.06
CA MET A 29 5.06 -5.96 8.20
C MET A 29 6.52 -5.71 7.82
N GLN A 30 6.79 -5.67 6.52
CA GLN A 30 8.14 -5.42 6.05
C GLN A 30 8.37 -3.94 5.80
N ASN A 31 7.81 -3.12 6.68
CA ASN A 31 7.94 -1.67 6.56
C ASN A 31 7.48 -1.17 5.19
N PRO A 32 7.39 0.16 5.01
CA PRO A 32 6.96 0.74 3.74
C PRO A 32 8.00 0.54 2.63
N PRO A 33 7.55 0.36 1.37
CA PRO A 33 8.45 0.16 0.23
C PRO A 33 9.34 1.37 -0.03
N LYS A 34 10.63 1.22 0.21
CA LYS A 34 11.59 2.30 0.00
C LYS A 34 11.34 3.46 0.96
N LYS A 35 10.26 4.20 0.71
CA LYS A 35 9.91 5.33 1.56
C LYS A 35 8.59 5.96 1.12
N PHE A 36 7.97 6.73 2.01
CA PHE A 36 6.72 7.41 1.72
C PHE A 36 6.10 7.96 3.00
N SER A 37 5.92 7.11 3.99
CA SER A 37 5.33 7.51 5.26
C SER A 37 3.91 8.03 5.06
N GLY A 38 3.39 8.72 6.08
CA GLY A 38 2.05 9.25 6.00
C GLY A 38 1.84 10.13 4.78
N GLU A 39 2.93 10.69 4.26
CA GLU A 39 2.87 11.55 3.09
C GLU A 39 2.28 10.82 1.89
N SER A 1 -3.61 -10.63 0.80
CA SER A 1 -2.33 -9.95 1.14
C SER A 1 -1.54 -9.61 -0.11
N ASP A 2 -0.40 -8.94 0.08
CA ASP A 2 0.45 -8.56 -1.04
C ASP A 2 0.98 -9.79 -1.78
N SER A 3 1.85 -9.55 -2.75
CA SER A 3 2.43 -10.65 -3.53
C SER A 3 1.33 -11.43 -4.26
N LYS A 4 0.24 -10.74 -4.57
CA LYS A 4 -0.89 -11.35 -5.26
C LYS A 4 -1.94 -10.32 -5.62
N ILE A 5 -1.69 -9.58 -6.70
CA ILE A 5 -2.62 -8.54 -7.15
C ILE A 5 -2.72 -7.41 -6.13
N GLY A 6 -1.66 -7.21 -5.34
CA GLY A 6 -1.66 -6.17 -4.35
C GLY A 6 -0.26 -5.88 -3.83
N ASN A 7 0.64 -5.51 -4.73
CA ASN A 7 2.01 -5.20 -4.35
C ASN A 7 2.13 -3.77 -3.82
N GLY A 8 2.15 -2.81 -4.72
CA GLY A 8 2.24 -1.41 -4.32
C GLY A 8 1.20 -0.54 -4.98
N CYS A 9 0.38 0.13 -4.15
CA CYS A 9 -0.68 1.01 -4.61
C CYS A 9 -1.10 0.71 -6.05
N PHE A 10 -1.78 -0.42 -6.22
CA PHE A 10 -2.25 -0.83 -7.53
C PHE A 10 -3.55 -1.61 -7.41
N GLY A 11 -3.60 -2.54 -6.46
CA GLY A 11 -4.79 -3.33 -6.26
C GLY A 11 -5.13 -3.49 -4.79
N PHE A 12 -4.68 -2.54 -3.97
CA PHE A 12 -4.94 -2.58 -2.54
C PHE A 12 -6.25 -1.89 -2.21
N PRO A 13 -6.72 -2.01 -0.94
CA PRO A 13 -7.97 -1.39 -0.49
C PRO A 13 -7.93 0.12 -0.59
N LEU A 14 -6.77 0.70 -0.30
CA LEU A 14 -6.60 2.15 -0.35
C LEU A 14 -7.38 2.83 0.77
N ASP A 15 -7.56 2.13 1.88
CA ASP A 15 -8.28 2.65 3.04
C ASP A 15 -8.75 1.51 3.95
N ARG A 16 -7.87 0.52 4.11
CA ARG A 16 -8.17 -0.63 4.95
C ARG A 16 -6.94 -1.06 5.72
N ILE A 17 -5.88 -1.41 5.01
CA ILE A 17 -4.64 -1.83 5.62
C ILE A 17 -4.10 -0.78 6.59
N GLY A 18 -4.54 0.46 6.39
CA GLY A 18 -4.11 1.55 7.25
C GLY A 18 -4.20 2.89 6.57
N SER A 19 -4.18 2.89 5.23
CA SER A 19 -4.26 4.12 4.46
C SER A 19 -3.04 5.01 4.73
N VAL A 20 -2.48 5.58 3.68
CA VAL A 20 -1.31 6.44 3.80
C VAL A 20 -1.69 7.91 3.60
N SER A 21 -2.56 8.41 4.46
CA SER A 21 -3.00 9.81 4.37
C SER A 21 -3.63 10.10 3.02
N GLY A 22 -4.10 9.05 2.34
CA GLY A 22 -4.72 9.21 1.05
C GLY A 22 -4.90 7.91 0.31
N LEU A 23 -3.90 7.55 -0.50
CA LEU A 23 -3.95 6.32 -1.28
C LEU A 23 -3.80 5.09 -0.37
N GLY A 24 -2.56 4.67 -0.14
CA GLY A 24 -2.32 3.51 0.70
C GLY A 24 -0.98 2.84 0.42
N CYS A 25 -0.47 3.07 -0.79
CA CYS A 25 0.81 2.49 -1.22
C CYS A 25 1.70 2.09 -0.05
N ASN A 26 2.24 0.88 -0.11
CA ASN A 26 3.12 0.37 0.94
C ASN A 26 3.94 -0.81 0.45
N ARG A 27 4.59 -0.63 -0.69
CA ARG A 27 5.41 -1.67 -1.29
C ARG A 27 6.67 -1.94 -0.47
N ILE A 28 6.50 -2.26 0.81
CA ILE A 28 7.64 -2.54 1.69
C ILE A 28 7.27 -3.61 2.72
N MET A 29 7.06 -3.20 3.97
CA MET A 29 6.70 -4.14 5.03
C MET A 29 6.57 -3.42 6.38
N GLN A 30 7.48 -2.49 6.63
CA GLN A 30 7.47 -1.72 7.87
C GLN A 30 6.78 -0.37 7.68
N ASN A 31 5.59 -0.40 7.09
CA ASN A 31 4.83 0.81 6.84
C ASN A 31 5.57 1.72 5.86
N PRO A 32 4.82 2.61 5.16
CA PRO A 32 5.41 3.54 4.18
C PRO A 32 6.32 4.58 4.85
N PRO A 33 7.63 4.50 4.62
CA PRO A 33 8.60 5.44 5.20
C PRO A 33 8.55 6.81 4.53
N LYS A 34 7.83 7.74 5.15
CA LYS A 34 7.70 9.09 4.61
C LYS A 34 7.07 9.07 3.23
N LYS A 35 5.84 9.57 3.14
CA LYS A 35 5.11 9.60 1.87
C LYS A 35 4.98 8.21 1.28
N PHE A 36 4.22 8.11 0.18
CA PHE A 36 4.01 6.84 -0.48
C PHE A 36 5.29 6.03 -0.61
N SER A 37 5.15 4.72 -0.77
CA SER A 37 6.31 3.84 -0.90
C SER A 37 6.94 3.97 -2.28
N GLY A 38 8.14 3.43 -2.43
CA GLY A 38 8.83 3.49 -3.70
C GLY A 38 9.54 4.82 -3.91
N GLU A 39 10.09 5.01 -5.11
CA GLU A 39 10.80 6.24 -5.43
C GLU A 39 9.84 7.30 -5.98
N SER A 1 7.46 -6.99 -5.13
CA SER A 1 7.25 -7.20 -6.59
C SER A 1 5.97 -6.52 -7.08
N ASP A 2 6.09 -5.27 -7.51
CA ASP A 2 4.94 -4.53 -7.99
C ASP A 2 4.47 -5.06 -9.34
N SER A 3 3.62 -6.09 -9.29
CA SER A 3 3.09 -6.70 -10.50
C SER A 3 1.85 -7.53 -10.19
N LYS A 4 2.01 -8.50 -9.29
CA LYS A 4 0.91 -9.38 -8.91
C LYS A 4 0.34 -8.96 -7.56
N ILE A 5 1.16 -9.04 -6.52
CA ILE A 5 0.72 -8.68 -5.17
C ILE A 5 0.26 -7.23 -5.11
N GLY A 6 0.70 -6.43 -6.08
CA GLY A 6 0.31 -5.02 -6.10
C GLY A 6 0.97 -4.23 -4.99
N ASN A 7 2.20 -3.78 -5.24
CA ASN A 7 2.93 -3.01 -4.25
C ASN A 7 2.76 -1.51 -4.48
N GLY A 8 1.52 -1.05 -4.48
CA GLY A 8 1.25 0.36 -4.69
C GLY A 8 -0.14 0.64 -5.22
N CYS A 9 -1.13 0.62 -4.33
CA CYS A 9 -2.52 0.88 -4.69
C CYS A 9 -2.89 0.31 -6.05
N PHE A 10 -2.28 -0.82 -6.42
CA PHE A 10 -2.54 -1.45 -7.70
C PHE A 10 -3.77 -2.36 -7.64
N GLY A 11 -3.59 -3.56 -7.11
CA GLY A 11 -4.68 -4.51 -7.02
C GLY A 11 -5.06 -4.81 -5.58
N PHE A 12 -4.65 -3.96 -4.66
CA PHE A 12 -4.96 -4.15 -3.25
C PHE A 12 -5.52 -2.85 -2.64
N PRO A 13 -6.83 -2.80 -2.38
CA PRO A 13 -7.48 -1.62 -1.80
C PRO A 13 -6.74 -1.11 -0.56
N LEU A 14 -5.74 -0.27 -0.79
CA LEU A 14 -4.94 0.29 0.30
C LEU A 14 -5.39 1.71 0.63
N ASP A 15 -6.32 1.82 1.57
CA ASP A 15 -6.84 3.12 1.99
C ASP A 15 -8.02 2.93 2.95
N ARG A 16 -7.89 1.95 3.83
CA ARG A 16 -8.93 1.65 4.80
C ARG A 16 -8.38 0.88 5.99
N ILE A 17 -7.94 -0.35 5.73
CA ILE A 17 -7.38 -1.20 6.78
C ILE A 17 -6.21 -0.53 7.46
N GLY A 18 -5.46 0.27 6.71
CA GLY A 18 -4.31 0.96 7.25
C GLY A 18 -4.19 2.38 6.72
N SER A 19 -4.12 2.50 5.40
CA SER A 19 -4.00 3.81 4.76
C SER A 19 -2.74 4.54 5.21
N VAL A 20 -2.12 5.27 4.30
CA VAL A 20 -0.91 6.01 4.60
C VAL A 20 -1.20 7.50 4.76
N SER A 21 -2.40 7.81 5.25
CA SER A 21 -2.81 9.19 5.46
C SER A 21 -2.78 9.98 4.15
N GLY A 22 -3.76 9.73 3.29
CA GLY A 22 -3.83 10.42 2.02
C GLY A 22 -3.90 9.46 0.85
N LEU A 23 -3.17 8.35 0.94
CA LEU A 23 -3.16 7.36 -0.12
C LEU A 23 -2.28 6.17 0.26
N GLY A 24 -2.87 4.97 0.21
CA GLY A 24 -2.13 3.77 0.55
C GLY A 24 -1.01 3.48 -0.43
N CYS A 25 -1.23 3.87 -1.68
CA CYS A 25 -0.28 3.66 -2.74
C CYS A 25 1.16 3.84 -2.28
N ASN A 26 2.10 3.23 -3.00
CA ASN A 26 3.52 3.32 -2.66
C ASN A 26 4.39 2.98 -3.86
N ARG A 27 3.86 3.22 -5.05
CA ARG A 27 4.58 2.93 -6.28
C ARG A 27 6.01 3.48 -6.24
N ILE A 28 6.95 2.65 -5.83
CA ILE A 28 8.36 3.03 -5.74
C ILE A 28 8.56 4.20 -4.76
N MET A 29 7.57 4.45 -3.92
CA MET A 29 7.66 5.52 -2.94
C MET A 29 7.87 6.88 -3.63
N GLN A 30 9.10 7.40 -3.59
CA GLN A 30 9.43 8.68 -4.21
C GLN A 30 8.33 9.72 -4.00
N ASN A 31 7.84 9.79 -2.76
CA ASN A 31 6.79 10.76 -2.42
C ASN A 31 6.34 10.59 -0.97
N PRO A 32 5.74 9.43 -0.63
CA PRO A 32 5.26 9.15 0.73
C PRO A 32 6.40 9.12 1.75
N PRO A 33 6.08 9.00 3.05
CA PRO A 33 7.08 8.97 4.12
C PRO A 33 8.13 7.89 3.90
N LYS A 34 9.16 7.90 4.72
CA LYS A 34 10.24 6.93 4.64
C LYS A 34 9.72 5.51 4.44
N LYS A 35 8.74 5.13 5.27
CA LYS A 35 8.15 3.80 5.19
C LYS A 35 6.90 3.71 6.06
N PHE A 36 6.17 2.60 5.93
CA PHE A 36 4.98 2.36 6.71
C PHE A 36 4.29 1.07 6.27
N SER A 37 3.95 0.99 4.98
CA SER A 37 3.30 -0.19 4.43
C SER A 37 4.30 -1.29 4.14
N GLY A 38 3.80 -2.47 3.79
CA GLY A 38 4.68 -3.58 3.48
C GLY A 38 5.20 -3.54 2.06
N GLU A 39 6.33 -4.19 1.82
CA GLU A 39 6.94 -4.22 0.50
C GLU A 39 6.90 -5.63 -0.09
N SER A 1 -4.96 -8.14 -4.30
CA SER A 1 -4.68 -9.16 -3.26
C SER A 1 -3.20 -9.22 -2.91
N ASP A 2 -2.89 -9.16 -1.62
CA ASP A 2 -1.51 -9.21 -1.16
C ASP A 2 -0.89 -10.57 -1.42
N SER A 3 0.40 -10.59 -1.73
CA SER A 3 1.11 -11.83 -2.00
C SER A 3 0.45 -12.58 -3.15
N LYS A 4 0.29 -11.90 -4.27
CA LYS A 4 -0.33 -12.50 -5.46
C LYS A 4 -0.24 -11.55 -6.66
N ILE A 5 -0.39 -10.25 -6.40
CA ILE A 5 -0.32 -9.26 -7.47
C ILE A 5 -0.34 -7.83 -6.91
N GLY A 6 -1.11 -7.63 -5.84
CA GLY A 6 -1.19 -6.31 -5.24
C GLY A 6 -0.25 -6.14 -4.08
N ASN A 7 0.71 -5.22 -4.22
CA ASN A 7 1.68 -4.96 -3.17
C ASN A 7 1.69 -3.48 -2.79
N GLY A 8 0.73 -3.08 -1.98
CA GLY A 8 0.64 -1.69 -1.56
C GLY A 8 -0.53 -0.98 -2.20
N CYS A 9 -0.24 0.07 -2.97
CA CYS A 9 -1.28 0.84 -3.64
C CYS A 9 -1.54 0.31 -5.05
N PHE A 10 -1.29 -0.98 -5.26
CA PHE A 10 -1.49 -1.59 -6.56
C PHE A 10 -2.97 -1.78 -6.85
N GLY A 11 -3.56 -2.82 -6.27
CA GLY A 11 -4.96 -3.10 -6.48
C GLY A 11 -5.75 -3.08 -5.19
N PHE A 12 -5.17 -2.51 -4.14
CA PHE A 12 -5.82 -2.43 -2.85
C PHE A 12 -6.84 -1.30 -2.82
N PRO A 13 -7.81 -1.37 -1.89
CA PRO A 13 -8.86 -0.35 -1.76
C PRO A 13 -8.31 1.00 -1.31
N LEU A 14 -7.05 1.02 -0.88
CA LEU A 14 -6.41 2.25 -0.43
C LEU A 14 -7.18 2.86 0.75
N ASP A 15 -7.33 2.08 1.82
CA ASP A 15 -8.04 2.53 3.02
C ASP A 15 -8.36 1.35 3.93
N ARG A 16 -7.40 0.44 4.08
CA ARG A 16 -7.58 -0.73 4.92
C ARG A 16 -6.24 -1.21 5.48
N ILE A 17 -5.21 -1.18 4.64
CA ILE A 17 -3.88 -1.62 5.05
C ILE A 17 -3.09 -0.47 5.68
N GLY A 18 -3.73 0.25 6.60
CA GLY A 18 -3.07 1.37 7.25
C GLY A 18 -3.38 2.70 6.57
N SER A 19 -3.60 2.66 5.27
CA SER A 19 -3.91 3.86 4.51
C SER A 19 -2.82 4.91 4.67
N VAL A 20 -2.83 5.91 3.80
CA VAL A 20 -1.84 6.98 3.85
C VAL A 20 -2.38 8.26 3.21
N SER A 21 -3.24 8.96 3.94
CA SER A 21 -3.82 10.20 3.44
C SER A 21 -4.57 9.95 2.14
N GLY A 22 -5.10 8.75 1.97
CA GLY A 22 -5.82 8.41 0.76
C GLY A 22 -4.95 7.71 -0.26
N LEU A 23 -4.49 6.51 0.08
CA LEU A 23 -3.63 5.73 -0.82
C LEU A 23 -3.26 4.39 -0.19
N GLY A 24 -2.42 4.43 0.84
CA GLY A 24 -2.00 3.21 1.50
C GLY A 24 -0.61 2.80 1.11
N CYS A 25 -0.25 3.12 -0.12
CA CYS A 25 1.06 2.79 -0.66
C CYS A 25 2.18 2.99 0.36
N ASN A 26 3.38 2.52 0.02
CA ASN A 26 4.53 2.66 0.88
C ASN A 26 4.35 1.87 2.18
N ARG A 27 4.61 0.57 2.11
CA ARG A 27 4.47 -0.31 3.25
C ARG A 27 4.93 -1.72 2.91
N ILE A 28 6.21 -1.87 2.65
CA ILE A 28 6.78 -3.17 2.31
C ILE A 28 7.70 -3.68 3.42
N MET A 29 8.61 -2.82 3.87
CA MET A 29 9.55 -3.18 4.94
C MET A 29 10.59 -2.10 5.15
N GLN A 30 10.90 -1.81 6.41
CA GLN A 30 11.89 -0.79 6.76
C GLN A 30 11.74 0.46 5.90
N ASN A 31 10.51 0.96 5.80
CA ASN A 31 10.24 2.15 5.01
C ASN A 31 10.60 1.94 3.55
N PRO A 32 10.18 2.85 2.66
CA PRO A 32 10.46 2.76 1.22
C PRO A 32 11.92 2.40 0.95
N PRO A 33 12.18 1.60 -0.11
CA PRO A 33 13.54 1.19 -0.47
C PRO A 33 14.29 2.26 -1.26
N LYS A 34 15.05 3.08 -0.53
CA LYS A 34 15.83 4.15 -1.15
C LYS A 34 14.93 5.15 -1.88
N LYS A 35 14.54 4.83 -3.10
CA LYS A 35 13.69 5.71 -3.89
C LYS A 35 12.22 5.53 -3.52
N PHE A 36 11.77 6.30 -2.53
CA PHE A 36 10.39 6.23 -2.06
C PHE A 36 9.41 6.23 -3.24
N SER A 37 8.15 5.93 -2.94
CA SER A 37 7.11 5.89 -3.96
C SER A 37 6.00 6.88 -3.65
N GLY A 38 5.40 7.45 -4.68
CA GLY A 38 4.32 8.40 -4.50
C GLY A 38 4.30 9.46 -5.57
N GLU A 39 3.41 10.44 -5.42
CA GLU A 39 3.29 11.52 -6.39
C GLU A 39 2.92 10.97 -7.77
N SER A 1 -5.39 -12.07 -2.60
CA SER A 1 -5.64 -10.82 -3.38
C SER A 1 -4.36 -9.99 -3.52
N ASP A 2 -3.76 -9.66 -2.39
CA ASP A 2 -2.53 -8.88 -2.39
C ASP A 2 -1.32 -9.75 -2.74
N SER A 3 -0.19 -9.10 -3.01
CA SER A 3 1.03 -9.82 -3.38
C SER A 3 0.83 -10.63 -4.64
N LYS A 4 0.18 -10.02 -5.63
CA LYS A 4 -0.06 -10.69 -6.91
C LYS A 4 -0.62 -9.71 -7.94
N ILE A 5 -1.85 -9.27 -7.72
CA ILE A 5 -2.50 -8.34 -8.62
C ILE A 5 -2.25 -6.89 -8.21
N GLY A 6 -2.14 -6.67 -6.90
CA GLY A 6 -1.90 -5.33 -6.40
C GLY A 6 -0.52 -5.16 -5.80
N ASN A 7 -0.32 -5.70 -4.60
CA ASN A 7 0.95 -5.61 -3.92
C ASN A 7 1.29 -4.16 -3.56
N GLY A 8 0.25 -3.36 -3.35
CA GLY A 8 0.45 -1.97 -2.99
C GLY A 8 0.12 -1.03 -4.14
N CYS A 9 -0.55 0.08 -3.80
CA CYS A 9 -0.95 1.09 -4.78
C CYS A 9 -1.10 0.54 -6.20
N PHE A 10 -1.95 -0.46 -6.33
CA PHE A 10 -2.20 -1.10 -7.62
C PHE A 10 -3.45 -1.96 -7.57
N GLY A 11 -3.47 -2.90 -6.63
CA GLY A 11 -4.61 -3.78 -6.49
C GLY A 11 -5.06 -3.91 -5.04
N PHE A 12 -4.74 -2.88 -4.25
CA PHE A 12 -5.10 -2.86 -2.84
C PHE A 12 -5.98 -1.66 -2.52
N PRO A 13 -6.99 -1.83 -1.65
CA PRO A 13 -7.91 -0.74 -1.27
C PRO A 13 -7.19 0.36 -0.49
N LEU A 14 -6.92 1.47 -1.18
CA LEU A 14 -6.24 2.61 -0.56
C LEU A 14 -7.15 3.30 0.45
N ASP A 15 -7.42 2.61 1.56
CA ASP A 15 -8.28 3.15 2.60
C ASP A 15 -8.57 2.07 3.63
N ARG A 16 -7.55 1.27 3.92
CA ARG A 16 -7.67 0.18 4.86
C ARG A 16 -6.28 -0.29 5.29
N ILE A 17 -6.23 -1.17 6.27
CA ILE A 17 -4.96 -1.70 6.76
C ILE A 17 -4.14 -0.61 7.46
N GLY A 18 -4.76 0.53 7.71
CA GLY A 18 -4.06 1.63 8.36
C GLY A 18 -4.33 2.96 7.68
N SER A 19 -4.53 2.92 6.37
CA SER A 19 -4.79 4.13 5.60
C SER A 19 -3.61 5.10 5.68
N VAL A 20 -3.12 5.52 4.52
CA VAL A 20 -2.00 6.44 4.44
C VAL A 20 -2.26 7.58 3.47
N SER A 21 -2.99 8.60 3.94
CA SER A 21 -3.31 9.75 3.12
C SER A 21 -4.08 9.32 1.86
N GLY A 22 -4.96 8.35 2.02
CA GLY A 22 -5.74 7.87 0.89
C GLY A 22 -4.87 7.32 -0.23
N LEU A 23 -3.63 6.97 0.10
CA LEU A 23 -2.71 6.43 -0.88
C LEU A 23 -2.63 4.92 -0.79
N GLY A 24 -2.03 4.42 0.30
CA GLY A 24 -1.89 2.99 0.49
C GLY A 24 -0.57 2.46 -0.02
N CYS A 25 -0.06 3.08 -1.08
CA CYS A 25 1.20 2.67 -1.68
C CYS A 25 2.25 2.32 -0.63
N ASN A 26 3.27 1.57 -1.03
CA ASN A 26 4.33 1.16 -0.13
C ASN A 26 5.68 1.73 -0.57
N ARG A 27 5.63 2.87 -1.27
CA ARG A 27 6.84 3.53 -1.75
C ARG A 27 7.91 3.60 -0.66
N ILE A 28 9.17 3.62 -1.08
CA ILE A 28 10.28 3.68 -0.15
C ILE A 28 10.68 5.13 0.12
N MET A 29 9.72 5.93 0.58
CA MET A 29 9.96 7.33 0.88
C MET A 29 8.79 7.95 1.63
N GLN A 30 7.71 8.23 0.91
CA GLN A 30 6.53 8.81 1.52
C GLN A 30 5.53 7.73 1.88
N ASN A 31 6.05 6.57 2.26
CA ASN A 31 5.21 5.43 2.64
C ASN A 31 6.01 4.44 3.48
N PRO A 32 5.32 3.51 4.15
CA PRO A 32 5.98 2.49 5.00
C PRO A 32 6.96 1.63 4.20
N PRO A 33 8.26 1.81 4.43
CA PRO A 33 9.30 1.02 3.72
C PRO A 33 9.12 -0.47 3.90
N LYS A 34 8.27 -1.07 3.05
CA LYS A 34 8.01 -2.50 3.11
C LYS A 34 7.50 -2.90 4.49
N LYS A 35 7.31 -4.21 4.69
CA LYS A 35 6.83 -4.72 5.97
C LYS A 35 5.41 -4.22 6.26
N PHE A 36 4.85 -4.68 7.37
CA PHE A 36 3.50 -4.29 7.77
C PHE A 36 2.47 -4.79 6.76
N SER A 37 2.34 -4.08 5.64
CA SER A 37 1.39 -4.44 4.61
C SER A 37 1.97 -5.55 3.72
N GLY A 38 1.07 -6.34 3.13
CA GLY A 38 1.50 -7.43 2.27
C GLY A 38 1.26 -8.79 2.89
N GLU A 39 1.85 -9.02 4.05
CA GLU A 39 1.69 -10.29 4.75
C GLU A 39 0.76 -10.15 5.95
N SER A 1 1.14 -9.66 -0.37
CA SER A 1 1.93 -10.52 -1.29
C SER A 1 1.58 -10.23 -2.75
N ASP A 2 2.60 -9.99 -3.56
CA ASP A 2 2.40 -9.69 -4.98
C ASP A 2 2.09 -10.97 -5.76
N SER A 3 1.06 -10.91 -6.59
CA SER A 3 0.66 -12.06 -7.40
C SER A 3 -0.29 -11.65 -8.52
N LYS A 4 -1.52 -11.36 -8.15
CA LYS A 4 -2.53 -10.94 -9.12
C LYS A 4 -2.22 -9.55 -9.67
N ILE A 5 -2.39 -8.54 -8.81
CA ILE A 5 -2.13 -7.16 -9.21
C ILE A 5 -2.37 -6.20 -8.04
N GLY A 6 -1.62 -6.42 -6.96
CA GLY A 6 -1.76 -5.57 -5.79
C GLY A 6 -0.43 -5.28 -5.12
N ASN A 7 -0.16 -5.99 -4.03
CA ASN A 7 1.09 -5.82 -3.28
C ASN A 7 1.15 -4.44 -2.64
N GLY A 8 -0.02 -3.86 -2.37
CA GLY A 8 -0.05 -2.55 -1.75
C GLY A 8 -0.85 -1.53 -2.56
N CYS A 9 -0.20 -0.43 -2.90
CA CYS A 9 -0.83 0.63 -3.67
C CYS A 9 -0.92 0.27 -5.14
N PHE A 10 -1.58 -0.84 -5.43
CA PHE A 10 -1.75 -1.30 -6.80
C PHE A 10 -3.13 -1.93 -7.00
N GLY A 11 -3.55 -2.75 -6.05
CA GLY A 11 -4.85 -3.40 -6.15
C GLY A 11 -5.62 -3.35 -4.85
N PHE A 12 -5.33 -2.36 -4.02
CA PHE A 12 -6.00 -2.22 -2.73
C PHE A 12 -7.05 -1.11 -2.80
N PRO A 13 -7.94 -1.03 -1.79
CA PRO A 13 -8.99 -0.01 -1.74
C PRO A 13 -8.48 1.34 -1.25
N LEU A 14 -7.18 1.43 -0.98
CA LEU A 14 -6.57 2.67 -0.51
C LEU A 14 -7.18 3.07 0.84
N ASP A 15 -7.25 2.11 1.76
CA ASP A 15 -7.81 2.36 3.09
C ASP A 15 -8.10 1.04 3.81
N ARG A 16 -7.16 0.10 3.70
CA ARG A 16 -7.30 -1.19 4.34
C ARG A 16 -6.05 -1.55 5.13
N ILE A 17 -4.93 -1.69 4.44
CA ILE A 17 -3.66 -2.03 5.08
C ILE A 17 -3.34 -1.05 6.21
N GLY A 18 -3.91 0.15 6.12
CA GLY A 18 -3.67 1.16 7.14
C GLY A 18 -4.17 2.53 6.74
N SER A 19 -4.24 2.77 5.43
CA SER A 19 -4.71 4.06 4.91
C SER A 19 -3.69 5.15 5.22
N VAL A 20 -3.16 5.77 4.15
CA VAL A 20 -2.18 6.84 4.30
C VAL A 20 -2.61 8.08 3.53
N SER A 21 -3.50 8.86 4.12
CA SER A 21 -3.99 10.09 3.49
C SER A 21 -4.87 9.77 2.29
N GLY A 22 -4.27 9.17 1.27
CA GLY A 22 -5.02 8.82 0.07
C GLY A 22 -4.58 7.50 -0.52
N LEU A 23 -3.31 7.40 -0.90
CA LEU A 23 -2.76 6.19 -1.48
C LEU A 23 -2.90 5.01 -0.52
N GLY A 24 -1.98 4.91 0.43
CA GLY A 24 -2.02 3.83 1.39
C GLY A 24 -0.73 3.04 1.42
N CYS A 25 -0.14 2.86 0.24
CA CYS A 25 1.11 2.13 0.07
C CYS A 25 1.96 2.15 1.34
N ASN A 26 1.83 1.12 2.16
CA ASN A 26 2.59 1.02 3.41
C ASN A 26 2.31 -0.29 4.14
N ARG A 27 3.01 -1.36 3.74
CA ARG A 27 2.83 -2.66 4.34
C ARG A 27 2.82 -2.57 5.87
N ILE A 28 2.18 -3.54 6.52
CA ILE A 28 2.10 -3.56 7.97
C ILE A 28 3.48 -3.50 8.60
N MET A 29 4.37 -4.39 8.17
CA MET A 29 5.73 -4.43 8.69
C MET A 29 6.56 -5.45 7.95
N GLN A 30 6.46 -5.45 6.62
CA GLN A 30 7.21 -6.39 5.79
C GLN A 30 7.54 -5.76 4.44
N ASN A 31 8.00 -4.51 4.46
CA ASN A 31 8.36 -3.80 3.24
C ASN A 31 8.90 -2.41 3.56
N PRO A 32 8.07 -1.55 4.18
CA PRO A 32 8.48 -0.19 4.54
C PRO A 32 9.52 -0.17 5.66
N PRO A 33 10.71 0.39 5.41
CA PRO A 33 11.79 0.47 6.41
C PRO A 33 11.41 1.31 7.63
N LYS A 34 10.41 0.84 8.37
CA LYS A 34 9.94 1.54 9.57
C LYS A 34 9.32 2.89 9.24
N LYS A 35 10.16 3.84 8.81
CA LYS A 35 9.69 5.18 8.47
C LYS A 35 9.65 5.38 6.96
N PHE A 36 8.44 5.45 6.41
CA PHE A 36 8.25 5.65 4.98
C PHE A 36 8.86 4.50 4.17
N SER A 37 8.16 4.10 3.12
CA SER A 37 8.64 3.01 2.27
C SER A 37 9.56 3.54 1.18
N GLY A 38 10.02 2.64 0.30
CA GLY A 38 10.90 3.04 -0.78
C GLY A 38 11.06 1.96 -1.83
N GLU A 39 11.79 2.27 -2.88
CA GLU A 39 12.03 1.32 -3.97
C GLU A 39 12.93 0.17 -3.50
N SER A 1 3.78 -5.93 -9.39
CA SER A 1 2.49 -6.38 -9.98
C SER A 1 1.54 -6.88 -8.91
N ASP A 2 0.30 -7.14 -9.30
CA ASP A 2 -0.71 -7.62 -8.38
C ASP A 2 -0.51 -9.10 -8.08
N SER A 3 -0.31 -9.44 -6.81
CA SER A 3 -0.10 -10.82 -6.41
C SER A 3 -1.44 -11.52 -6.18
N LYS A 4 -2.45 -10.75 -5.79
CA LYS A 4 -3.77 -11.30 -5.54
C LYS A 4 -4.84 -10.47 -6.24
N ILE A 5 -4.80 -9.16 -6.04
CA ILE A 5 -5.76 -8.25 -6.66
C ILE A 5 -5.44 -6.80 -6.30
N GLY A 6 -4.16 -6.45 -6.34
CA GLY A 6 -3.75 -5.10 -6.02
C GLY A 6 -2.39 -5.04 -5.36
N ASN A 7 -2.08 -6.06 -4.56
CA ASN A 7 -0.80 -6.12 -3.86
C ASN A 7 -0.77 -5.13 -2.70
N GLY A 8 -0.92 -3.85 -3.03
CA GLY A 8 -0.90 -2.82 -2.01
C GLY A 8 -1.34 -1.47 -2.54
N CYS A 9 -0.38 -0.58 -2.75
CA CYS A 9 -0.68 0.75 -3.25
C CYS A 9 -0.66 0.78 -4.78
N PHE A 10 -1.53 -0.01 -5.39
CA PHE A 10 -1.62 -0.08 -6.84
C PHE A 10 -3.02 -0.49 -7.29
N GLY A 11 -3.38 -1.74 -7.01
CA GLY A 11 -4.69 -2.23 -7.40
C GLY A 11 -5.55 -2.61 -6.21
N PHE A 12 -5.07 -2.31 -5.01
CA PHE A 12 -5.81 -2.63 -3.79
C PHE A 12 -6.36 -1.35 -3.17
N PRO A 13 -7.59 -1.40 -2.63
CA PRO A 13 -8.25 -0.24 -2.01
C PRO A 13 -7.34 0.49 -1.03
N LEU A 14 -7.85 1.59 -0.48
CA LEU A 14 -7.09 2.38 0.48
C LEU A 14 -7.91 2.68 1.73
N ASP A 15 -7.81 1.80 2.72
CA ASP A 15 -8.54 1.95 3.98
C ASP A 15 -8.45 0.67 4.81
N ARG A 16 -7.25 0.11 4.90
CA ARG A 16 -7.03 -1.11 5.66
C ARG A 16 -5.63 -1.12 6.26
N ILE A 17 -4.62 -1.16 5.39
CA ILE A 17 -3.23 -1.18 5.84
C ILE A 17 -2.92 0.05 6.69
N GLY A 18 -3.67 1.12 6.47
CA GLY A 18 -3.45 2.34 7.22
C GLY A 18 -4.09 3.55 6.57
N SER A 19 -4.24 3.50 5.25
CA SER A 19 -4.84 4.59 4.50
C SER A 19 -4.04 5.88 4.69
N VAL A 20 -3.17 6.17 3.72
CA VAL A 20 -2.34 7.37 3.78
C VAL A 20 -2.77 8.39 2.74
N SER A 21 -3.93 9.01 2.98
CA SER A 21 -4.45 10.02 2.07
C SER A 21 -4.74 9.42 0.69
N GLY A 22 -5.20 8.17 0.68
CA GLY A 22 -5.51 7.51 -0.57
C GLY A 22 -4.30 6.80 -1.16
N LEU A 23 -4.00 5.62 -0.64
CA LEU A 23 -2.87 4.84 -1.12
C LEU A 23 -2.70 3.55 -0.31
N GLY A 24 -2.31 3.70 0.95
CA GLY A 24 -2.12 2.54 1.80
C GLY A 24 -0.68 2.09 1.86
N CYS A 25 0.00 2.21 0.72
CA CYS A 25 1.40 1.82 0.59
C CYS A 25 2.15 1.89 1.92
N ASN A 26 3.01 0.90 2.16
CA ASN A 26 3.78 0.86 3.40
C ASN A 26 5.11 1.60 3.23
N ARG A 27 5.04 2.82 2.70
CA ARG A 27 6.23 3.63 2.48
C ARG A 27 7.18 3.58 3.68
N ILE A 28 8.48 3.68 3.41
CA ILE A 28 9.48 3.64 4.47
C ILE A 28 9.23 4.72 5.52
N MET A 29 9.14 5.97 5.07
CA MET A 29 8.91 7.09 5.97
C MET A 29 7.44 7.15 6.40
N GLN A 30 6.55 7.18 5.42
CA GLN A 30 5.11 7.25 5.71
C GLN A 30 4.53 5.85 5.90
N ASN A 31 5.14 5.07 6.78
CA ASN A 31 4.68 3.72 7.06
C ASN A 31 3.48 3.71 8.00
N PRO A 32 2.68 2.64 7.97
CA PRO A 32 1.50 2.51 8.83
C PRO A 32 1.87 2.30 10.29
N PRO A 33 0.88 2.35 11.20
CA PRO A 33 1.10 2.16 12.63
C PRO A 33 1.57 0.74 12.95
N LYS A 34 2.87 0.52 12.87
CA LYS A 34 3.44 -0.79 13.15
C LYS A 34 2.94 -1.82 12.15
N LYS A 35 3.81 -2.76 11.79
CA LYS A 35 3.46 -3.82 10.83
C LYS A 35 3.12 -3.22 9.48
N PHE A 36 2.51 -4.03 8.62
CA PHE A 36 2.11 -3.59 7.29
C PHE A 36 1.63 -4.76 6.44
N SER A 37 2.32 -5.89 6.57
CA SER A 37 1.95 -7.09 5.82
C SER A 37 1.05 -8.00 6.65
N GLY A 38 -0.23 -7.68 6.67
CA GLY A 38 -1.19 -8.48 7.43
C GLY A 38 -1.63 -9.72 6.68
N GLU A 39 -0.92 -10.82 6.89
CA GLU A 39 -1.25 -12.08 6.25
C GLU A 39 -1.19 -11.94 4.73
N SER A 1 2.53 -10.92 -8.59
CA SER A 1 2.69 -10.37 -7.21
C SER A 1 1.85 -9.11 -7.03
N ASP A 2 2.18 -8.06 -7.78
CA ASP A 2 1.44 -6.81 -7.69
C ASP A 2 0.36 -6.74 -8.76
N SER A 3 -0.36 -7.84 -8.95
CA SER A 3 -1.43 -7.91 -9.94
C SER A 3 -2.74 -8.33 -9.30
N LYS A 4 -2.74 -9.51 -8.68
CA LYS A 4 -3.94 -10.03 -8.03
C LYS A 4 -4.20 -9.29 -6.72
N ILE A 5 -3.47 -9.67 -5.67
CA ILE A 5 -3.63 -9.05 -4.37
C ILE A 5 -3.30 -7.56 -4.42
N GLY A 6 -2.39 -7.21 -5.32
CA GLY A 6 -1.99 -5.81 -5.46
C GLY A 6 -0.54 -5.58 -5.06
N ASN A 7 -0.14 -6.16 -3.94
CA ASN A 7 1.23 -6.02 -3.44
C ASN A 7 1.58 -4.54 -3.27
N GLY A 8 0.57 -3.72 -2.97
CA GLY A 8 0.80 -2.30 -2.79
C GLY A 8 -0.40 -1.47 -3.19
N CYS A 9 -0.16 -0.22 -3.57
CA CYS A 9 -1.23 0.67 -3.99
C CYS A 9 -1.64 0.43 -5.44
N PHE A 10 -1.22 -0.69 -6.00
CA PHE A 10 -1.55 -1.04 -7.38
C PHE A 10 -2.94 -1.66 -7.46
N GLY A 11 -3.28 -2.45 -6.45
CA GLY A 11 -4.59 -3.11 -6.42
C GLY A 11 -5.23 -3.07 -5.06
N PHE A 12 -4.66 -2.30 -4.13
CA PHE A 12 -5.21 -2.19 -2.78
C PHE A 12 -6.49 -1.34 -2.79
N PRO A 13 -7.26 -1.38 -1.69
CA PRO A 13 -8.51 -0.61 -1.57
C PRO A 13 -8.26 0.89 -1.39
N LEU A 14 -7.05 1.24 -0.95
CA LEU A 14 -6.70 2.63 -0.73
C LEU A 14 -7.54 3.25 0.38
N ASP A 15 -7.59 2.57 1.52
CA ASP A 15 -8.35 3.04 2.67
C ASP A 15 -8.27 2.03 3.81
N ARG A 16 -7.12 1.35 3.88
CA ARG A 16 -6.88 0.34 4.88
C ARG A 16 -5.38 0.11 5.02
N ILE A 17 -5.01 -1.02 5.61
CA ILE A 17 -3.60 -1.35 5.79
C ILE A 17 -2.82 -0.16 6.37
N GLY A 18 -3.54 0.71 7.07
CA GLY A 18 -2.93 1.89 7.66
C GLY A 18 -3.60 3.17 7.21
N SER A 19 -4.19 3.12 6.01
CA SER A 19 -4.87 4.28 5.44
C SER A 19 -4.03 5.55 5.57
N VAL A 20 -3.00 5.63 4.74
CA VAL A 20 -2.11 6.79 4.75
C VAL A 20 -2.87 8.08 4.47
N SER A 21 -3.54 8.13 3.32
CA SER A 21 -4.31 9.29 2.93
C SER A 21 -4.95 9.09 1.56
N GLY A 22 -5.46 7.87 1.33
CA GLY A 22 -6.08 7.56 0.06
C GLY A 22 -5.17 6.80 -0.87
N LEU A 23 -4.57 5.73 -0.35
CA LEU A 23 -3.66 4.91 -1.14
C LEU A 23 -3.16 3.72 -0.32
N GLY A 24 -2.41 4.00 0.74
CA GLY A 24 -1.88 2.94 1.57
C GLY A 24 -0.47 2.55 1.22
N CYS A 25 -0.17 2.61 -0.08
CA CYS A 25 1.15 2.28 -0.62
C CYS A 25 2.25 2.39 0.43
N ASN A 26 2.63 1.26 1.01
CA ASN A 26 3.67 1.23 2.03
C ASN A 26 4.57 0.01 1.88
N ARG A 27 4.49 -0.65 0.73
CA ARG A 27 5.29 -1.84 0.45
C ARG A 27 5.54 -2.67 1.71
N ILE A 28 4.61 -3.57 2.02
CA ILE A 28 4.73 -4.41 3.19
C ILE A 28 5.83 -5.46 3.03
N MET A 29 6.33 -5.63 1.81
CA MET A 29 7.38 -6.60 1.55
C MET A 29 8.76 -6.03 1.88
N GLN A 30 9.33 -5.27 0.95
CA GLN A 30 10.64 -4.68 1.17
C GLN A 30 10.48 -3.26 1.70
N ASN A 31 9.46 -3.07 2.52
CA ASN A 31 9.18 -1.76 3.11
C ASN A 31 9.01 -0.70 2.03
N PRO A 32 8.41 0.46 2.39
CA PRO A 32 8.19 1.55 1.44
C PRO A 32 9.50 2.00 0.76
N PRO A 33 9.57 1.92 -0.58
CA PRO A 33 10.77 2.32 -1.33
C PRO A 33 11.11 3.80 -1.14
N LYS A 34 11.70 4.12 0.02
CA LYS A 34 12.09 5.48 0.34
C LYS A 34 10.87 6.40 0.40
N LYS A 35 10.80 7.22 1.44
CA LYS A 35 9.69 8.14 1.62
C LYS A 35 8.37 7.40 1.67
N PHE A 36 8.11 6.75 2.81
CA PHE A 36 6.88 5.99 3.00
C PHE A 36 5.66 6.76 2.51
N SER A 37 4.97 6.19 1.51
CA SER A 37 3.79 6.81 0.95
C SER A 37 4.12 8.18 0.37
N GLY A 38 4.21 8.25 -0.96
CA GLY A 38 4.52 9.50 -1.62
C GLY A 38 3.28 10.36 -1.86
N GLU A 39 3.51 11.61 -2.24
CA GLU A 39 2.40 12.53 -2.51
C GLU A 39 1.68 12.15 -3.79
N SER A 1 2.74 -4.95 -11.58
CA SER A 1 2.65 -4.84 -10.10
C SER A 1 1.58 -5.78 -9.54
N ASP A 2 1.56 -7.01 -10.05
CA ASP A 2 0.59 -8.01 -9.61
C ASP A 2 1.28 -9.32 -9.26
N SER A 3 0.72 -10.03 -8.28
CA SER A 3 1.29 -11.31 -7.85
C SER A 3 0.28 -12.09 -7.01
N LYS A 4 -0.39 -11.38 -6.09
CA LYS A 4 -1.37 -12.01 -5.22
C LYS A 4 -2.55 -11.08 -4.99
N ILE A 5 -2.95 -10.36 -6.04
CA ILE A 5 -4.07 -9.43 -5.95
C ILE A 5 -3.76 -8.29 -4.99
N GLY A 6 -2.87 -7.40 -5.39
CA GLY A 6 -2.51 -6.28 -4.55
C GLY A 6 -1.00 -6.10 -4.44
N ASN A 7 -0.48 -6.26 -3.22
CA ASN A 7 0.95 -6.11 -2.97
C ASN A 7 1.44 -4.73 -3.40
N GLY A 8 0.63 -3.72 -3.13
CA GLY A 8 0.99 -2.36 -3.49
C GLY A 8 -0.21 -1.46 -3.68
N CYS A 9 0.04 -0.22 -4.10
CA CYS A 9 -1.04 0.74 -4.32
C CYS A 9 -1.51 0.73 -5.77
N PHE A 10 -1.27 -0.38 -6.47
CA PHE A 10 -1.67 -0.50 -7.86
C PHE A 10 -3.13 -0.90 -7.97
N GLY A 11 -3.54 -1.84 -7.12
CA GLY A 11 -4.91 -2.30 -7.13
C GLY A 11 -5.46 -2.50 -5.72
N PHE A 12 -4.83 -1.86 -4.75
CA PHE A 12 -5.24 -1.97 -3.36
C PHE A 12 -6.59 -1.28 -3.14
N PRO A 13 -7.41 -1.80 -2.21
CA PRO A 13 -8.72 -1.22 -1.89
C PRO A 13 -8.61 0.12 -1.17
N LEU A 14 -7.44 0.39 -0.61
CA LEU A 14 -7.21 1.64 0.12
C LEU A 14 -8.15 1.75 1.31
N ASP A 15 -7.86 1.01 2.38
CA ASP A 15 -8.69 1.03 3.58
C ASP A 15 -8.15 0.06 4.63
N ARG A 16 -6.87 0.22 4.97
CA ARG A 16 -6.23 -0.63 5.96
C ARG A 16 -5.00 0.04 6.54
N ILE A 17 -4.00 0.30 5.69
CA ILE A 17 -2.77 0.94 6.12
C ILE A 17 -2.99 2.42 6.43
N GLY A 18 -4.00 3.00 5.79
CA GLY A 18 -4.30 4.40 6.01
C GLY A 18 -5.53 4.87 5.26
N SER A 19 -5.73 4.33 4.06
CA SER A 19 -6.88 4.69 3.24
C SER A 19 -6.73 6.11 2.68
N VAL A 20 -5.84 6.25 1.70
CA VAL A 20 -5.60 7.55 1.08
C VAL A 20 -4.70 8.44 1.95
N SER A 21 -5.07 8.56 3.22
CA SER A 21 -4.29 9.39 4.15
C SER A 21 -2.84 8.93 4.22
N GLY A 22 -2.66 7.61 4.24
CA GLY A 22 -1.31 7.06 4.30
C GLY A 22 -0.96 6.21 3.10
N LEU A 23 -1.93 6.01 2.21
CA LEU A 23 -1.70 5.22 1.00
C LEU A 23 -1.36 3.78 1.36
N GLY A 24 -2.16 2.83 0.88
CA GLY A 24 -1.91 1.43 1.16
C GLY A 24 -0.56 0.98 0.67
N CYS A 25 -0.13 1.53 -0.46
CA CYS A 25 1.15 1.21 -1.06
C CYS A 25 2.18 0.72 -0.04
N ASN A 26 2.91 -0.33 -0.39
CA ASN A 26 3.91 -0.90 0.49
C ASN A 26 4.97 -1.67 -0.30
N ARG A 27 5.48 -1.04 -1.36
CA ARG A 27 6.49 -1.64 -2.21
C ARG A 27 7.58 -2.31 -1.39
N ILE A 28 7.95 -3.53 -1.77
CA ILE A 28 8.98 -4.28 -1.07
C ILE A 28 10.30 -3.52 -1.07
N MET A 29 10.87 -3.32 -2.26
CA MET A 29 12.14 -2.61 -2.39
C MET A 29 11.99 -1.16 -1.95
N GLN A 30 13.03 -0.63 -1.32
CA GLN A 30 13.02 0.75 -0.84
C GLN A 30 11.72 1.08 -0.11
N ASN A 31 11.37 0.24 0.86
CA ASN A 31 10.15 0.43 1.64
C ASN A 31 10.06 1.85 2.19
N PRO A 32 8.83 2.31 2.52
CA PRO A 32 8.61 3.66 3.05
C PRO A 32 9.32 3.87 4.39
N PRO A 33 9.31 5.11 4.91
CA PRO A 33 9.96 5.45 6.18
C PRO A 33 9.46 4.58 7.33
N LYS A 34 10.05 4.77 8.51
CA LYS A 34 9.67 4.01 9.70
C LYS A 34 8.17 4.08 9.94
N LYS A 35 7.72 3.47 11.03
CA LYS A 35 6.30 3.47 11.39
C LYS A 35 5.49 2.71 10.35
N PHE A 36 5.10 1.48 10.68
CA PHE A 36 4.32 0.67 9.78
C PHE A 36 5.07 0.40 8.48
N SER A 37 4.53 -0.49 7.65
CA SER A 37 5.15 -0.83 6.38
C SER A 37 4.28 -1.81 5.60
N GLY A 38 2.96 -1.63 5.68
CA GLY A 38 2.06 -2.50 4.97
C GLY A 38 1.41 -3.53 5.88
N GLU A 39 2.04 -4.69 5.99
CA GLU A 39 1.52 -5.77 6.84
C GLU A 39 0.13 -6.19 6.39
N SER A 1 3.24 -4.63 -10.02
CA SER A 1 2.57 -5.46 -11.05
C SER A 1 1.30 -6.11 -10.52
N ASP A 2 0.67 -6.94 -11.35
CA ASP A 2 -0.55 -7.63 -10.96
C ASP A 2 -0.24 -9.01 -10.40
N SER A 3 0.73 -9.07 -9.49
CA SER A 3 1.14 -10.33 -8.88
C SER A 3 0.07 -10.82 -7.89
N LYS A 4 0.06 -10.23 -6.70
CA LYS A 4 -0.89 -10.60 -5.68
C LYS A 4 -2.19 -9.80 -5.81
N ILE A 5 -2.89 -10.02 -6.92
CA ILE A 5 -4.15 -9.32 -7.18
C ILE A 5 -4.04 -7.82 -6.86
N GLY A 6 -2.87 -7.25 -7.13
CA GLY A 6 -2.67 -5.84 -6.86
C GLY A 6 -1.25 -5.53 -6.42
N ASN A 7 -0.87 -6.01 -5.25
CA ASN A 7 0.47 -5.77 -4.72
C ASN A 7 0.74 -4.29 -4.56
N GLY A 8 0.65 -3.81 -3.32
CA GLY A 8 0.87 -2.40 -3.06
C GLY A 8 -0.34 -1.55 -3.39
N CYS A 9 -0.16 -0.24 -3.40
CA CYS A 9 -1.24 0.69 -3.71
C CYS A 9 -1.78 0.49 -5.13
N PHE A 10 -1.23 -0.46 -5.87
CA PHE A 10 -1.67 -0.72 -7.23
C PHE A 10 -3.09 -1.29 -7.24
N GLY A 11 -3.29 -2.36 -6.49
CA GLY A 11 -4.60 -2.98 -6.43
C GLY A 11 -5.15 -3.07 -5.02
N PHE A 12 -4.44 -2.48 -4.06
CA PHE A 12 -4.88 -2.51 -2.67
C PHE A 12 -5.84 -1.37 -2.38
N PRO A 13 -6.59 -1.45 -1.26
CA PRO A 13 -7.55 -0.41 -0.87
C PRO A 13 -6.88 0.93 -0.60
N LEU A 14 -7.66 1.90 -0.15
CA LEU A 14 -7.15 3.23 0.14
C LEU A 14 -7.59 3.68 1.54
N ASP A 15 -7.80 2.72 2.43
CA ASP A 15 -8.22 3.03 3.80
C ASP A 15 -8.52 1.74 4.57
N ARG A 16 -7.59 0.79 4.52
CA ARG A 16 -7.74 -0.47 5.21
C ARG A 16 -6.40 -1.13 5.45
N ILE A 17 -5.66 -1.39 4.38
CA ILE A 17 -4.35 -2.02 4.47
C ILE A 17 -3.37 -1.13 5.24
N GLY A 18 -3.39 0.16 4.94
CA GLY A 18 -2.51 1.09 5.61
C GLY A 18 -3.14 2.46 5.80
N SER A 19 -3.83 2.93 4.77
CA SER A 19 -4.50 4.22 4.82
C SER A 19 -3.51 5.34 5.12
N VAL A 20 -3.02 6.00 4.07
CA VAL A 20 -2.07 7.09 4.22
C VAL A 20 -2.56 8.34 3.50
N SER A 21 -3.67 8.88 4.00
CA SER A 21 -4.27 10.08 3.41
C SER A 21 -4.80 9.80 2.02
N GLY A 22 -5.15 8.55 1.76
CA GLY A 22 -5.67 8.17 0.46
C GLY A 22 -4.62 7.52 -0.43
N LEU A 23 -4.33 6.24 -0.17
CA LEU A 23 -3.35 5.51 -0.95
C LEU A 23 -3.22 4.07 -0.45
N GLY A 24 -2.63 3.91 0.73
CA GLY A 24 -2.45 2.58 1.29
C GLY A 24 -1.08 2.01 1.00
N CYS A 25 -0.48 2.50 -0.08
CA CYS A 25 0.83 2.06 -0.52
C CYS A 25 1.80 1.85 0.65
N ASN A 26 2.98 1.33 0.34
CA ASN A 26 4.00 1.06 1.35
C ASN A 26 4.84 2.31 1.63
N ARG A 27 4.16 3.45 1.82
CA ARG A 27 4.83 4.71 2.10
C ARG A 27 5.89 4.55 3.19
N ILE A 28 6.96 5.33 3.09
CA ILE A 28 8.04 5.28 4.07
C ILE A 28 7.52 5.52 5.48
N MET A 29 7.06 6.73 5.74
CA MET A 29 6.54 7.09 7.05
C MET A 29 5.40 6.17 7.47
N GLN A 30 4.41 6.02 6.59
CA GLN A 30 3.27 5.16 6.87
C GLN A 30 3.62 3.69 6.61
N ASN A 31 4.62 3.20 7.33
CA ASN A 31 5.07 1.81 7.17
C ASN A 31 3.89 0.84 7.28
N PRO A 32 4.04 -0.37 6.71
CA PRO A 32 2.99 -1.39 6.73
C PRO A 32 2.93 -2.13 8.06
N PRO A 33 1.87 -2.95 8.26
CA PRO A 33 1.72 -3.72 9.50
C PRO A 33 2.80 -4.77 9.68
N LYS A 34 2.89 -5.33 10.87
CA LYS A 34 3.88 -6.35 11.19
C LYS A 34 3.95 -7.41 10.10
N LYS A 35 2.83 -7.65 9.43
CA LYS A 35 2.77 -8.64 8.37
C LYS A 35 2.90 -8.00 6.99
N PHE A 36 3.77 -7.00 6.89
CA PHE A 36 4.01 -6.30 5.63
C PHE A 36 2.69 -5.85 5.01
N SER A 37 2.77 -5.27 3.81
CA SER A 37 1.59 -4.80 3.11
C SER A 37 1.05 -5.84 2.13
N GLY A 38 1.28 -7.11 2.46
CA GLY A 38 0.81 -8.20 1.61
C GLY A 38 1.56 -9.49 1.84
N GLU A 39 2.55 -9.76 0.99
CA GLU A 39 3.34 -10.97 1.10
C GLU A 39 2.48 -12.21 0.96
N SER A 1 1.65 -3.21 -12.31
CA SER A 1 1.59 -4.54 -11.66
C SER A 1 0.16 -4.92 -11.29
N ASP A 2 -0.28 -6.09 -11.73
CA ASP A 2 -1.64 -6.56 -11.44
C ASP A 2 -1.77 -8.05 -11.75
N SER A 3 -0.67 -8.78 -11.55
CA SER A 3 -0.67 -10.22 -11.81
C SER A 3 -1.60 -10.95 -10.85
N LYS A 4 -1.25 -10.94 -9.56
CA LYS A 4 -2.06 -11.59 -8.54
C LYS A 4 -3.37 -10.85 -8.33
N ILE A 5 -3.27 -9.55 -8.06
CA ILE A 5 -4.45 -8.72 -7.83
C ILE A 5 -4.08 -7.24 -7.87
N GLY A 6 -2.95 -6.88 -7.26
CA GLY A 6 -2.52 -5.51 -7.23
C GLY A 6 -1.03 -5.37 -7.02
N ASN A 7 -0.48 -6.17 -6.10
CA ASN A 7 0.95 -6.12 -5.80
C ASN A 7 1.36 -4.73 -5.33
N GLY A 8 0.46 -4.06 -4.64
CA GLY A 8 0.76 -2.73 -4.14
C GLY A 8 -0.42 -1.78 -4.29
N CYS A 9 -0.19 -0.50 -3.99
CA CYS A 9 -1.22 0.52 -4.08
C CYS A 9 -1.88 0.53 -5.47
N PHE A 10 -1.25 -0.11 -6.44
CA PHE A 10 -1.79 -0.16 -7.79
C PHE A 10 -3.13 -0.88 -7.78
N GLY A 11 -3.20 -1.96 -7.02
CA GLY A 11 -4.43 -2.72 -6.93
C GLY A 11 -4.91 -2.84 -5.49
N PHE A 12 -4.14 -2.31 -4.55
CA PHE A 12 -4.51 -2.37 -3.14
C PHE A 12 -5.51 -1.27 -2.79
N PRO A 13 -6.20 -1.42 -1.64
CA PRO A 13 -7.20 -0.44 -1.19
C PRO A 13 -6.55 0.86 -0.71
N LEU A 14 -7.35 1.71 -0.07
CA LEU A 14 -6.86 2.98 0.44
C LEU A 14 -7.60 3.39 1.71
N ASP A 15 -7.86 2.42 2.57
CA ASP A 15 -8.56 2.67 3.83
C ASP A 15 -8.80 1.38 4.60
N ARG A 16 -7.72 0.66 4.88
CA ARG A 16 -7.81 -0.58 5.63
C ARG A 16 -6.47 -0.94 6.26
N ILE A 17 -5.49 -1.25 5.43
CA ILE A 17 -4.16 -1.62 5.91
C ILE A 17 -3.57 -0.53 6.79
N GLY A 18 -3.99 0.70 6.53
CA GLY A 18 -3.50 1.83 7.32
C GLY A 18 -4.03 3.16 6.83
N SER A 19 -4.26 3.26 5.52
CA SER A 19 -4.77 4.49 4.92
C SER A 19 -3.78 5.64 5.12
N VAL A 20 -3.17 6.07 4.02
CA VAL A 20 -2.20 7.17 4.06
C VAL A 20 -2.58 8.27 3.09
N SER A 21 -3.54 9.09 3.47
CA SER A 21 -4.00 10.20 2.62
C SER A 21 -4.53 9.67 1.29
N GLY A 22 -5.06 8.45 1.30
CA GLY A 22 -5.60 7.86 0.10
C GLY A 22 -4.53 7.17 -0.73
N LEU A 23 -4.18 5.94 -0.36
CA LEU A 23 -3.17 5.18 -1.08
C LEU A 23 -3.07 3.76 -0.55
N GLY A 24 -2.49 3.61 0.65
CA GLY A 24 -2.35 2.30 1.24
C GLY A 24 -1.00 1.67 0.95
N CYS A 25 -0.48 1.95 -0.24
CA CYS A 25 0.80 1.43 -0.69
C CYS A 25 1.72 1.03 0.46
N ASN A 26 2.20 -0.21 0.42
CA ASN A 26 3.08 -0.72 1.47
C ASN A 26 4.14 -1.67 0.89
N ARG A 27 4.62 -1.33 -0.31
CA ARG A 27 5.62 -2.14 -0.99
C ARG A 27 6.71 -2.60 -0.02
N ILE A 28 7.19 -3.84 -0.22
CA ILE A 28 8.22 -4.40 0.63
C ILE A 28 9.49 -3.55 0.57
N MET A 29 9.71 -2.87 -0.55
CA MET A 29 10.89 -2.03 -0.73
C MET A 29 10.88 -0.89 0.28
N GLN A 30 11.85 0.01 0.14
CA GLN A 30 11.94 1.16 1.04
C GLN A 30 10.91 2.21 0.65
N ASN A 31 9.76 1.74 0.20
CA ASN A 31 8.66 2.62 -0.21
C ASN A 31 8.11 3.40 0.99
N PRO A 32 7.64 2.70 2.03
CA PRO A 32 7.08 3.34 3.23
C PRO A 32 8.11 4.23 3.94
N PRO A 33 7.64 5.25 4.68
CA PRO A 33 8.51 6.18 5.39
C PRO A 33 9.10 5.57 6.67
N LYS A 34 9.77 4.44 6.52
CA LYS A 34 10.38 3.76 7.67
C LYS A 34 9.35 3.47 8.75
N LYS A 35 8.09 3.28 8.33
CA LYS A 35 7.01 2.99 9.28
C LYS A 35 5.78 2.48 8.55
N PHE A 36 6.01 1.73 7.49
CA PHE A 36 4.93 1.16 6.68
C PHE A 36 3.82 2.19 6.40
N SER A 37 2.84 2.28 7.28
CA SER A 37 1.74 3.23 7.11
C SER A 37 0.76 3.13 8.27
N GLY A 38 0.89 4.04 9.23
CA GLY A 38 0.00 4.03 10.39
C GLY A 38 -0.91 5.24 10.43
N GLU A 39 -1.58 5.43 11.56
CA GLU A 39 -2.49 6.56 11.73
C GLU A 39 -1.83 7.68 12.51
N SER A 1 5.07 -2.44 -11.71
CA SER A 1 4.78 -3.60 -10.85
C SER A 1 3.29 -3.93 -10.84
N ASP A 2 2.82 -4.51 -11.95
CA ASP A 2 1.40 -4.87 -12.08
C ASP A 2 1.26 -6.20 -12.79
N SER A 3 1.17 -7.28 -12.02
CA SER A 3 1.02 -8.61 -12.60
C SER A 3 -0.46 -8.93 -12.85
N LYS A 4 -1.17 -9.29 -11.78
CA LYS A 4 -2.59 -9.61 -11.90
C LYS A 4 -3.44 -8.33 -11.87
N ILE A 5 -3.22 -7.52 -10.84
CA ILE A 5 -3.97 -6.27 -10.69
C ILE A 5 -3.47 -5.48 -9.48
N GLY A 6 -2.47 -4.62 -9.70
CA GLY A 6 -1.94 -3.83 -8.62
C GLY A 6 -1.36 -4.68 -7.51
N ASN A 7 -0.04 -4.82 -7.49
CA ASN A 7 0.64 -5.61 -6.47
C ASN A 7 0.62 -4.90 -5.13
N GLY A 8 0.76 -3.57 -5.17
CA GLY A 8 0.77 -2.79 -3.94
C GLY A 8 -0.16 -1.60 -4.03
N CYS A 9 0.38 -0.40 -3.80
CA CYS A 9 -0.39 0.83 -3.85
C CYS A 9 -0.78 1.17 -5.28
N PHE A 10 -1.48 0.26 -5.93
CA PHE A 10 -1.93 0.46 -7.30
C PHE A 10 -3.32 -0.15 -7.50
N GLY A 11 -3.49 -1.37 -7.00
CA GLY A 11 -4.77 -2.05 -7.13
C GLY A 11 -5.36 -2.45 -5.80
N PHE A 12 -4.62 -2.18 -4.72
CA PHE A 12 -5.07 -2.51 -3.38
C PHE A 12 -5.96 -1.40 -2.82
N PRO A 13 -6.68 -1.69 -1.72
CA PRO A 13 -7.57 -0.69 -1.08
C PRO A 13 -6.79 0.49 -0.51
N LEU A 14 -7.50 1.58 -0.27
CA LEU A 14 -6.88 2.79 0.27
C LEU A 14 -7.49 3.16 1.61
N ASP A 15 -7.59 2.17 2.50
CA ASP A 15 -8.16 2.39 3.83
C ASP A 15 -8.19 1.09 4.63
N ARG A 16 -7.24 0.21 4.36
CA ARG A 16 -7.15 -1.07 5.05
C ARG A 16 -5.91 -1.11 5.92
N ILE A 17 -4.87 -0.42 5.49
CA ILE A 17 -3.61 -0.35 6.22
C ILE A 17 -3.52 0.92 7.06
N GLY A 18 -4.68 1.40 7.50
CA GLY A 18 -4.73 2.61 8.31
C GLY A 18 -5.10 3.83 7.50
N SER A 19 -5.15 3.69 6.17
CA SER A 19 -5.51 4.79 5.29
C SER A 19 -4.52 5.95 5.44
N VAL A 20 -3.68 6.14 4.44
CA VAL A 20 -2.69 7.21 4.46
C VAL A 20 -3.19 8.45 3.71
N SER A 21 -3.55 8.26 2.44
CA SER A 21 -4.04 9.35 1.62
C SER A 21 -4.39 8.86 0.21
N GLY A 22 -5.00 7.68 0.16
CA GLY A 22 -5.40 7.11 -1.13
C GLY A 22 -4.29 6.30 -1.76
N LEU A 23 -3.82 5.29 -1.04
CA LEU A 23 -2.75 4.43 -1.54
C LEU A 23 -2.65 3.15 -0.71
N GLY A 24 -2.15 3.27 0.51
CA GLY A 24 -2.01 2.11 1.37
C GLY A 24 -0.59 1.56 1.38
N CYS A 25 0.08 1.73 0.24
CA CYS A 25 1.45 1.25 0.05
C CYS A 25 2.17 0.97 1.37
N ASN A 26 2.43 -0.30 1.62
CA ASN A 26 3.11 -0.72 2.84
C ASN A 26 3.35 -2.22 2.85
N ARG A 27 4.14 -2.70 1.90
CA ARG A 27 4.45 -4.12 1.79
C ARG A 27 4.84 -4.71 3.14
N ILE A 28 4.54 -6.00 3.33
CA ILE A 28 4.85 -6.69 4.58
C ILE A 28 6.21 -7.40 4.49
N MET A 29 6.51 -7.94 3.32
CA MET A 29 7.77 -8.65 3.12
C MET A 29 8.89 -7.68 2.75
N GLN A 30 10.03 -7.82 3.43
CA GLN A 30 11.20 -6.97 3.18
C GLN A 30 10.79 -5.50 3.01
N ASN A 31 9.95 -5.02 3.91
CA ASN A 31 9.49 -3.63 3.87
C ASN A 31 9.03 -3.16 5.24
N PRO A 32 8.74 -1.85 5.38
CA PRO A 32 8.29 -1.28 6.65
C PRO A 32 7.19 -2.11 7.31
N PRO A 33 7.39 -2.52 8.57
CA PRO A 33 6.40 -3.33 9.30
C PRO A 33 5.14 -2.54 9.62
N LYS A 34 4.10 -3.24 10.06
CA LYS A 34 2.84 -2.61 10.41
C LYS A 34 3.05 -1.36 11.26
N LYS A 35 2.29 -0.30 10.94
CA LYS A 35 2.40 0.96 11.68
C LYS A 35 3.81 1.54 11.56
N PHE A 36 4.07 2.24 10.47
CA PHE A 36 5.36 2.86 10.23
C PHE A 36 5.39 3.54 8.87
N SER A 37 4.97 2.82 7.84
CA SER A 37 4.95 3.36 6.49
C SER A 37 6.36 3.73 6.03
N GLY A 38 6.54 3.88 4.72
CA GLY A 38 7.83 4.24 4.17
C GLY A 38 7.82 4.33 2.66
N GLU A 39 7.96 3.20 1.99
CA GLU A 39 7.97 3.16 0.54
C GLU A 39 7.31 1.88 0.02
N SER A 1 2.26 -11.50 -7.71
CA SER A 1 1.67 -11.11 -6.42
C SER A 1 0.59 -10.06 -6.60
N ASP A 2 0.75 -9.22 -7.62
CA ASP A 2 -0.21 -8.15 -7.91
C ASP A 2 -1.28 -8.65 -8.88
N SER A 3 -2.14 -7.73 -9.31
CA SER A 3 -3.21 -8.07 -10.25
C SER A 3 -4.19 -9.06 -9.61
N LYS A 4 -4.35 -8.97 -8.29
CA LYS A 4 -5.25 -9.86 -7.58
C LYS A 4 -5.50 -9.35 -6.16
N ILE A 5 -4.57 -9.61 -5.26
CA ILE A 5 -4.69 -9.18 -3.87
C ILE A 5 -4.48 -7.67 -3.74
N GLY A 6 -3.63 -7.13 -4.60
CA GLY A 6 -3.35 -5.70 -4.58
C GLY A 6 -1.87 -5.40 -4.58
N ASN A 7 -1.18 -5.78 -3.50
CA ASN A 7 0.25 -5.55 -3.38
C ASN A 7 0.57 -4.05 -3.41
N GLY A 8 0.82 -3.48 -2.23
CA GLY A 8 1.13 -2.07 -2.15
C GLY A 8 0.04 -1.19 -2.72
N CYS A 9 0.39 0.03 -3.08
CA CYS A 9 -0.56 0.98 -3.65
C CYS A 9 -0.79 0.69 -5.12
N PHE A 10 -1.23 -0.52 -5.43
CA PHE A 10 -1.49 -0.92 -6.80
C PHE A 10 -2.95 -1.29 -7.01
N GLY A 11 -3.37 -2.41 -6.40
CA GLY A 11 -4.74 -2.85 -6.55
C GLY A 11 -5.45 -3.01 -5.22
N PHE A 12 -5.04 -2.23 -4.23
CA PHE A 12 -5.65 -2.30 -2.91
C PHE A 12 -6.79 -1.29 -2.78
N PRO A 13 -7.64 -1.44 -1.75
CA PRO A 13 -8.78 -0.55 -1.53
C PRO A 13 -8.34 0.84 -1.08
N LEU A 14 -7.13 0.95 -0.57
CA LEU A 14 -6.60 2.22 -0.10
C LEU A 14 -7.42 2.75 1.07
N ASP A 15 -7.49 1.96 2.14
CA ASP A 15 -8.23 2.33 3.34
C ASP A 15 -8.42 1.11 4.23
N ARG A 16 -7.39 0.28 4.32
CA ARG A 16 -7.43 -0.92 5.13
C ARG A 16 -6.04 -1.25 5.68
N ILE A 17 -5.11 -1.55 4.78
CA ILE A 17 -3.75 -1.88 5.17
C ILE A 17 -3.13 -0.74 5.98
N GLY A 18 -3.62 0.47 5.75
CA GLY A 18 -3.11 1.62 6.46
C GLY A 18 -3.34 2.91 5.69
N SER A 19 -4.62 3.29 5.56
CA SER A 19 -4.99 4.49 4.83
C SER A 19 -4.10 5.68 5.22
N VAL A 20 -3.05 5.90 4.44
CA VAL A 20 -2.12 7.00 4.71
C VAL A 20 -2.80 8.34 4.53
N SER A 21 -3.23 8.64 3.30
CA SER A 21 -3.89 9.90 3.00
C SER A 21 -4.32 9.94 1.54
N GLY A 22 -4.81 8.80 1.04
CA GLY A 22 -5.25 8.73 -0.34
C GLY A 22 -4.48 7.70 -1.14
N LEU A 23 -4.15 6.58 -0.51
CA LEU A 23 -3.41 5.51 -1.18
C LEU A 23 -3.21 4.32 -0.25
N GLY A 24 -2.33 4.47 0.72
CA GLY A 24 -2.06 3.38 1.66
C GLY A 24 -0.71 2.76 1.43
N CYS A 25 -0.39 2.53 0.15
CA CYS A 25 0.88 1.94 -0.29
C CYS A 25 1.66 1.27 0.86
N ASN A 26 2.98 1.43 0.86
CA ASN A 26 3.83 0.83 1.89
C ASN A 26 3.87 -0.68 1.74
N ARG A 27 4.56 -1.14 0.69
CA ARG A 27 4.69 -2.57 0.42
C ARG A 27 5.03 -3.35 1.69
N ILE A 28 4.34 -4.46 1.91
CA ILE A 28 4.57 -5.28 3.07
C ILE A 28 5.54 -6.43 2.76
N MET A 29 6.81 -6.08 2.58
CA MET A 29 7.83 -7.08 2.28
C MET A 29 9.22 -6.43 2.24
N GLN A 30 9.53 -5.77 1.13
CA GLN A 30 10.81 -5.11 0.99
C GLN A 30 10.71 -3.66 1.39
N ASN A 31 9.91 -3.40 2.43
CA ASN A 31 9.72 -2.05 2.95
C ASN A 31 9.28 -1.10 1.83
N PRO A 32 8.91 0.14 2.19
CA PRO A 32 8.47 1.14 1.22
C PRO A 32 9.64 1.71 0.41
N PRO A 33 9.34 2.26 -0.79
CA PRO A 33 10.38 2.84 -1.67
C PRO A 33 10.99 4.10 -1.08
N LYS A 34 11.82 3.92 -0.06
CA LYS A 34 12.48 5.04 0.61
C LYS A 34 11.46 5.94 1.31
N LYS A 35 10.75 6.75 0.52
CA LYS A 35 9.75 7.64 1.06
C LYS A 35 8.39 6.95 1.18
N PHE A 36 8.08 6.47 2.37
CA PHE A 36 6.83 5.77 2.63
C PHE A 36 5.65 6.46 1.96
N SER A 37 4.98 5.75 1.06
CA SER A 37 3.83 6.28 0.34
C SER A 37 4.23 7.51 -0.47
N GLY A 38 3.28 8.04 -1.23
CA GLY A 38 3.56 9.22 -2.06
C GLY A 38 2.42 10.21 -2.04
N GLU A 39 2.08 10.73 -3.22
CA GLU A 39 1.00 11.70 -3.35
C GLU A 39 0.08 11.34 -4.50
#